data_9GSD
#
_entry.id   9GSD
#
_cell.length_a   1.00
_cell.length_b   1.00
_cell.length_c   1.00
_cell.angle_alpha   90.00
_cell.angle_beta   90.00
_cell.angle_gamma   90.00
#
_symmetry.space_group_name_H-M   'P 1'
#
loop_
_entity.id
_entity.type
_entity.pdbx_description
1 polymer 'Plasma membrane calcium-transporting ATPase 2'
2 polymer Neuroplastin
3 non-polymer 'MAGNESIUM ION'
4 non-polymer '(2S)-1-{[(R)-hydroxy{[(1R,2R,3S,4R,5R,6S)-2,3,6-trihydroxy-4,5-bis(phosphonooxy)cyclohexyl]oxy}phosphoryl]oxy}-3-(octadecanoyloxy)propan-2-yl icosa-5,8,11,14-tetraenoate'
5 non-polymer 'BERYLLIUM TRIFLUORIDE ION'
6 non-polymer 2-acetamido-2-deoxy-beta-D-glucopyranose
7 water water
#
loop_
_entity_poly.entity_id
_entity_poly.type
_entity_poly.pdbx_seq_one_letter_code
_entity_poly.pdbx_strand_id
1 'polypeptide(L)'
;MGDMTNSDFYSKNQRNESSHGGEFGCTMEELRSLMELRGTEAVVKIKETYGDTEAICRRLKTSPVEGLPGTAPDLEKRKQ
IFGQNFIPPKKPKTFLQLVWEALQDVTLIILEIAAIISLGLSFYHPPGESNEGCATAQGGAEDEGEAEAGWIEGAAILLS
VICVVLVTAFNDWSKEKQFRGLQSRIEQEQKFTVVRAGQVVQIPVAEIVVGDIAQIKYGDLLPADGLFIQGNDLKIDESS
LTGESDQVRKSVDKDPMLLSGTHVMEGSGRMVVTAVGVNSQTGIIFTLLGAGGEEEEKKDKKAKQQDGAAAMEMQPLKSA
EGGDADDKKKANMHKKEKSVLQGKLTKLAVQIGKAGLVMSAITVIILVLYFTVDTFVVNKKPWLTECTPVYVQYFVKFFI
IGVTVLVVAVPEGLPLAVTISLAYSVKKMMKDNNLVRHLDACETMGNATAICSDKTGTLTTNRMTVVQAYVGDVHYKEIP
DPSSINAKTLELLVNAIAINSAYTTKILPPEKEGALPRQVGNKTECGLLGFVLDLRQDYEPVRSQMPEEKLYKVYTFNSV
RKSMSTVIKMPDESFRMYSKGASEIVLKKCCKILSGAGEARVFRPRDRDEMVKKVIEPMACDGLRTICVAYRDFPSSPEP
DWDNENDILNELTCICVVGIEDPVRPEVPEAIRKCQRAGITVRMVTGDNINTARAIAIKCGIIHPGEDFLCLEGKEFNRR
IRNEKGEIEQERIDKIWPKLRVLARSSPTDKHTLVKGIIDSTHTEQRQVVAVTGDGTNDGPALKKADVGFAMGIAGTDVA
KEASDIILTDDNFSSIVKAVMWGRNVYDSISKFLQFQLTVNVVAVIVAFTGACITQDSPLKAVQMLWVNLIMDTFASLAL
ATEPPTETLLLRKPYGRNKPLISRTMMKNILGHAVYQLTLIFTLLFVGEKMFQIDSGRNAPLHSPPSEHYTIIFNTFVMM
QLFNEINARKIHGERNVFDGIFRNPIFCTIVLGTFAIQIVIVQFGGKPFSCSPLQLDQWMWCIFIGLGELVWGQVIATIP
TSRLKFLKEAGRLTQKEEIPEEELNEDVEEIDHAERELRRGQILWFRGLNRIQTQIRVVKAFRSSLYEGLEKPESRTSIH
NFMAHPEFRIEDSQPHIPLIDDTDLEEDAALKQNSSPPSSLNKNNSAIDSGINLTTDTSKSATSSSPGSPIHSLETSLEN
LYFQGGDYKDDDDK
;
A
2 'polypeptide(L)'
;MSGSSLPGALALSLLLVSGSLLPGPGAAQNAGFVKSPMSETKLTGDAFELYCDVVGSPTPEIQWWYAEVNRAESFRQLWD
GARKRRVTVNTAYGSNGVSVLRITRLTLEDSGTYECRASNDPKRNDLRQNPSITWIRAQATISVLQKPRIVTSEEVIIRE
SLLPVTLQCNLTSSSHTLMYSYWTRNGVELTATRKNASNMEYRINKPRAEDSGEYHCVYHFVSAPKANATIEVKAAPDIT
GHKRSENKNEGQDAMMYCKSVGYPHPEWIWRKKENGVFEEISNSSGRFFITNKENYTELSIVNLQITEDPGEYECNATNS
IGSASVSTVLRVRSHLAPLWPFLGILAEIIILVVIIVVYEKRKRPDEVPDDDEPAGPMKTNSTNNHKDKNLRQRNTNENL
YFQGGHHHHHHHH
;
B
#
loop_
_chem_comp.id
_chem_comp.type
_chem_comp.name
_chem_comp.formula
BEF non-polymer 'BERYLLIUM TRIFLUORIDE ION' 'Be F3 -1'
KXP non-polymer '(2S)-1-{[(R)-hydroxy{[(1R,2R,3S,4R,5R,6S)-2,3,6-trihydroxy-4,5-bis(phosphonooxy)cyclohexyl]oxy}phosphoryl]oxy}-3-(octadecanoyloxy)propan-2-yl icosa-5,8,11,14-tetraenoate' 'C47 H85 O19 P3'
MG non-polymer 'MAGNESIUM ION' 'Mg 2'
NAG D-saccharide, beta linking 2-acetamido-2-deoxy-beta-D-glucopyranose 'C8 H15 N O6'
#
# COMPACT_ATOMS: atom_id res chain seq x y z
N GLY A 22 37.94 2.50 46.00
CA GLY A 22 38.37 2.98 44.71
C GLY A 22 37.23 3.59 43.90
N GLU A 23 36.22 2.79 43.60
CA GLU A 23 35.06 3.22 42.85
C GLU A 23 33.79 2.92 43.65
N PHE A 24 32.86 3.88 43.64
CA PHE A 24 31.58 3.68 44.30
C PHE A 24 30.76 2.63 43.57
N GLY A 25 29.71 2.15 44.23
CA GLY A 25 28.82 1.17 43.65
C GLY A 25 28.22 1.62 42.33
N CYS A 26 28.52 0.90 41.26
CA CYS A 26 28.13 1.31 39.92
C CYS A 26 26.66 0.96 39.68
N THR A 27 26.24 1.02 38.42
CA THR A 27 24.84 0.80 38.06
C THR A 27 24.35 -0.55 38.56
N MET A 28 23.14 -0.55 39.14
CA MET A 28 22.65 -1.72 39.83
C MET A 28 22.33 -2.87 38.87
N GLU A 29 21.72 -2.56 37.72
CA GLU A 29 21.25 -3.62 36.83
C GLU A 29 22.38 -4.47 36.30
N GLU A 30 23.63 -4.02 36.40
CA GLU A 30 24.78 -4.77 35.93
C GLU A 30 25.73 -5.25 37.02
N LEU A 31 25.87 -4.51 38.12
CA LEU A 31 26.88 -4.82 39.13
C LEU A 31 26.30 -5.54 40.35
N ARG A 32 25.08 -5.21 40.76
CA ARG A 32 24.30 -6.06 41.69
C ARG A 32 22.90 -6.19 41.07
N SER A 33 22.71 -7.24 40.26
CA SER A 33 21.49 -7.39 39.48
C SER A 33 20.35 -7.99 40.31
N LEU A 34 19.94 -7.24 41.33
CA LEU A 34 18.70 -7.55 42.01
C LEU A 34 17.51 -7.39 41.07
N MET A 35 17.57 -6.39 40.19
CA MET A 35 16.60 -6.25 39.12
C MET A 35 16.65 -7.46 38.21
N GLU A 36 15.58 -7.62 37.42
CA GLU A 36 15.36 -8.68 36.43
C GLU A 36 15.27 -10.07 37.06
N LEU A 37 15.41 -10.17 38.38
CA LEU A 37 15.28 -11.44 39.10
C LEU A 37 14.34 -11.21 40.27
N ARG A 38 13.07 -11.58 40.10
CA ARG A 38 12.03 -11.29 41.06
C ARG A 38 11.61 -12.55 41.81
N GLY A 39 10.58 -12.43 42.64
CA GLY A 39 10.07 -13.54 43.40
C GLY A 39 10.77 -13.72 44.72
N THR A 40 10.56 -14.90 45.31
CA THR A 40 11.21 -15.24 46.57
C THR A 40 12.72 -15.34 46.42
N GLU A 41 13.20 -15.55 45.20
CA GLU A 41 14.65 -15.61 44.95
C GLU A 41 15.32 -14.26 45.15
N ALA A 42 14.55 -13.17 45.24
CA ALA A 42 15.15 -11.86 45.45
C ALA A 42 15.85 -11.78 46.81
N VAL A 43 15.10 -12.06 47.89
CA VAL A 43 15.70 -12.07 49.22
C VAL A 43 16.70 -13.21 49.37
N VAL A 44 16.59 -14.25 48.56
CA VAL A 44 17.55 -15.35 48.62
C VAL A 44 18.94 -14.83 48.28
N LYS A 45 19.05 -14.02 47.24
CA LYS A 45 20.33 -13.40 46.90
C LYS A 45 20.67 -12.25 47.83
N ILE A 46 19.67 -11.55 48.35
CA ILE A 46 19.91 -10.41 49.23
C ILE A 46 20.58 -10.87 50.52
N LYS A 47 20.07 -11.96 51.11
CA LYS A 47 20.60 -12.41 52.40
C LYS A 47 22.04 -12.92 52.28
N GLU A 48 22.34 -13.65 51.21
CA GLU A 48 23.67 -14.24 51.08
C GLU A 48 24.72 -13.21 50.68
N THR A 49 24.34 -12.24 49.83
CA THR A 49 25.31 -11.25 49.37
C THR A 49 25.43 -10.08 50.34
N TYR A 50 24.31 -9.64 50.90
CA TYR A 50 24.24 -8.43 51.72
C TYR A 50 23.39 -8.73 52.95
N GLY A 51 22.94 -7.66 53.62
CA GLY A 51 22.22 -7.82 54.86
C GLY A 51 20.74 -8.04 54.72
N ASP A 52 19.94 -7.23 55.40
CA ASP A 52 18.49 -7.39 55.48
C ASP A 52 17.77 -6.23 54.80
N THR A 53 18.26 -5.84 53.63
CA THR A 53 17.78 -4.70 52.83
C THR A 53 17.87 -3.39 53.58
N GLU A 54 18.50 -3.37 54.75
CA GLU A 54 18.81 -2.15 55.47
C GLU A 54 20.29 -1.81 55.47
N ALA A 55 21.16 -2.83 55.48
CA ALA A 55 22.58 -2.60 55.28
C ALA A 55 22.89 -2.19 53.85
N ILE A 56 22.00 -2.50 52.90
CA ILE A 56 22.19 -2.05 51.53
C ILE A 56 22.10 -0.53 51.44
N CYS A 57 21.24 0.08 52.26
CA CYS A 57 21.20 1.53 52.32
C CYS A 57 22.44 2.10 53.00
N ARG A 58 22.94 1.40 54.02
CA ARG A 58 24.19 1.83 54.67
C ARG A 58 25.37 1.72 53.73
N ARG A 59 25.33 0.79 52.77
CA ARG A 59 26.39 0.69 51.78
C ARG A 59 26.47 1.96 50.94
N LEU A 60 25.32 2.51 50.57
CA LEU A 60 25.28 3.81 49.92
C LEU A 60 25.35 4.92 50.97
N LYS A 61 25.49 6.15 50.49
CA LYS A 61 25.55 7.30 51.40
C LYS A 61 24.16 7.79 51.77
N THR A 62 23.33 6.88 52.27
CA THR A 62 21.95 7.21 52.64
C THR A 62 21.56 6.39 53.86
N SER A 63 20.51 6.84 54.54
CA SER A 63 19.96 6.18 55.69
C SER A 63 18.46 6.01 55.55
N PRO A 64 17.88 4.97 56.15
CA PRO A 64 16.42 4.81 56.05
C PRO A 64 15.65 5.97 56.64
N VAL A 65 16.21 6.69 57.61
CA VAL A 65 15.59 7.86 58.21
C VAL A 65 16.40 9.09 57.83
N GLU A 66 15.69 10.16 57.47
CA GLU A 66 16.28 11.44 57.02
C GLU A 66 17.50 11.21 56.13
N GLY A 67 17.35 10.32 55.16
CA GLY A 67 18.45 10.01 54.27
C GLY A 67 18.79 11.17 53.34
N LEU A 68 19.99 11.10 52.77
CA LEU A 68 20.54 12.14 51.92
C LEU A 68 20.48 13.44 52.71
N PRO A 69 21.36 13.63 53.70
CA PRO A 69 21.14 14.67 54.73
C PRO A 69 20.96 16.08 54.17
N GLY A 70 21.71 16.46 53.15
CA GLY A 70 21.63 17.79 52.60
C GLY A 70 21.79 17.77 51.09
N THR A 71 21.35 18.87 50.47
CA THR A 71 21.35 18.93 49.00
C THR A 71 22.73 18.66 48.44
N ALA A 72 23.70 19.52 48.75
CA ALA A 72 25.09 19.33 48.35
C ALA A 72 25.18 19.07 46.85
N PRO A 73 25.07 20.12 46.02
CA PRO A 73 25.07 19.91 44.56
C PRO A 73 26.17 19.01 44.03
N ASP A 74 27.35 19.02 44.66
CA ASP A 74 28.40 18.10 44.27
C ASP A 74 27.97 16.65 44.46
N LEU A 75 27.35 16.35 45.61
CA LEU A 75 26.84 15.01 45.87
C LEU A 75 25.73 14.64 44.89
N GLU A 76 24.84 15.58 44.58
CA GLU A 76 23.77 15.30 43.64
C GLU A 76 24.33 14.99 42.25
N LYS A 77 25.31 15.77 41.79
CA LYS A 77 25.90 15.51 40.49
C LYS A 77 26.69 14.20 40.50
N ARG A 78 27.31 13.86 41.62
CA ARG A 78 28.02 12.58 41.70
C ARG A 78 27.04 11.41 41.65
N LYS A 79 25.89 11.54 42.30
CA LYS A 79 24.87 10.50 42.22
C LYS A 79 24.17 10.47 40.86
N GLN A 80 24.19 11.58 40.12
CA GLN A 80 23.57 11.58 38.81
C GLN A 80 24.38 10.83 37.77
N ILE A 81 25.55 10.27 38.11
CA ILE A 81 26.23 9.37 37.21
C ILE A 81 25.44 8.08 37.04
N PHE A 82 24.58 7.74 38.01
CA PHE A 82 23.68 6.61 37.84
C PHE A 82 22.71 6.86 36.69
N GLY A 83 22.17 8.08 36.60
CA GLY A 83 21.24 8.40 35.55
C GLY A 83 20.64 9.77 35.75
N GLN A 84 19.78 10.14 34.80
CA GLN A 84 19.12 11.43 34.79
C GLN A 84 17.63 11.36 35.15
N ASN A 85 17.05 10.16 35.13
CA ASN A 85 15.61 9.94 35.33
C ASN A 85 14.78 10.60 34.25
N PHE A 86 15.38 10.81 33.08
CA PHE A 86 14.69 11.45 31.96
C PHE A 86 15.09 10.73 30.68
N ILE A 87 14.12 10.12 30.01
CA ILE A 87 14.36 9.45 28.73
C ILE A 87 14.05 10.46 27.62
N PRO A 88 15.01 10.77 26.76
CA PRO A 88 14.75 11.73 25.68
C PRO A 88 13.75 11.17 24.69
N PRO A 89 12.71 11.93 24.36
CA PRO A 89 11.75 11.47 23.36
C PRO A 89 12.39 11.37 21.98
N LYS A 90 11.84 10.48 21.16
CA LYS A 90 12.32 10.32 19.81
C LYS A 90 12.07 11.58 18.99
N LYS A 91 12.97 11.85 18.05
CA LYS A 91 12.86 13.03 17.21
C LYS A 91 12.11 12.69 15.93
N PRO A 92 10.94 13.29 15.69
CA PRO A 92 10.20 12.99 14.46
C PRO A 92 10.99 13.36 13.22
N LYS A 93 10.86 12.54 12.18
CA LYS A 93 11.62 12.73 10.95
C LYS A 93 10.93 13.76 10.07
N THR A 94 11.73 14.63 9.45
CA THR A 94 11.22 15.67 8.57
C THR A 94 10.81 15.08 7.23
N PHE A 95 10.05 15.88 6.47
CA PHE A 95 9.56 15.42 5.17
C PHE A 95 10.71 15.12 4.21
N LEU A 96 11.75 15.97 4.21
CA LEU A 96 12.89 15.73 3.35
C LEU A 96 13.60 14.43 3.71
N GLN A 97 13.69 14.11 5.00
CA GLN A 97 14.29 12.86 5.42
C GLN A 97 13.48 11.68 4.91
N LEU A 98 12.15 11.77 4.96
CA LEU A 98 11.30 10.71 4.43
C LEU A 98 11.48 10.56 2.92
N VAL A 99 11.60 11.68 2.20
CA VAL A 99 11.85 11.61 0.76
C VAL A 99 13.19 10.92 0.49
N TRP A 100 14.21 11.28 1.25
CA TRP A 100 15.53 10.65 1.08
C TRP A 100 15.45 9.15 1.32
N GLU A 101 14.72 8.74 2.35
CA GLU A 101 14.57 7.30 2.61
C GLU A 101 13.80 6.62 1.49
N ALA A 102 12.78 7.28 0.94
CA ALA A 102 11.99 6.66 -0.12
C ALA A 102 12.77 6.57 -1.42
N LEU A 103 13.77 7.43 -1.62
CA LEU A 103 14.54 7.39 -2.87
C LEU A 103 15.29 6.09 -3.02
N GLN A 104 15.89 5.59 -1.94
CA GLN A 104 16.76 4.41 -2.00
C GLN A 104 15.90 3.16 -2.09
N ASP A 105 15.66 2.72 -3.33
CA ASP A 105 14.93 1.49 -3.60
C ASP A 105 15.68 0.69 -4.65
N VAL A 106 15.38 -0.61 -4.72
CA VAL A 106 15.99 -1.45 -5.75
C VAL A 106 15.43 -1.12 -7.12
N THR A 107 14.11 -0.97 -7.21
CA THR A 107 13.49 -0.67 -8.50
C THR A 107 13.74 0.77 -8.93
N LEU A 108 13.58 1.72 -8.01
CA LEU A 108 13.65 3.13 -8.39
C LEU A 108 15.05 3.55 -8.82
N ILE A 109 16.09 2.86 -8.37
CA ILE A 109 17.44 3.18 -8.82
C ILE A 109 17.62 2.76 -10.28
N ILE A 110 17.10 1.59 -10.64
CA ILE A 110 17.23 1.10 -12.00
C ILE A 110 16.49 2.00 -12.99
N LEU A 111 15.27 2.42 -12.63
CA LEU A 111 14.48 3.26 -13.54
C LEU A 111 15.18 4.58 -13.82
N GLU A 112 15.79 5.18 -12.81
CA GLU A 112 16.52 6.42 -13.02
C GLU A 112 17.72 6.21 -13.95
N ILE A 113 18.39 5.07 -13.81
CA ILE A 113 19.53 4.76 -14.69
C ILE A 113 19.05 4.68 -16.15
N ALA A 114 17.94 3.98 -16.38
CA ALA A 114 17.41 3.89 -17.73
C ALA A 114 16.99 5.25 -18.26
N ALA A 115 16.37 6.08 -17.42
CA ALA A 115 15.95 7.41 -17.86
C ALA A 115 17.15 8.26 -18.24
N ILE A 116 18.21 8.23 -17.43
CA ILE A 116 19.40 9.02 -17.73
C ILE A 116 20.08 8.51 -18.99
N ILE A 117 20.12 7.18 -19.16
CA ILE A 117 20.70 6.61 -20.37
C ILE A 117 19.95 7.07 -21.61
N SER A 118 18.60 7.03 -21.55
CA SER A 118 17.80 7.47 -22.68
C SER A 118 18.01 8.95 -22.96
N LEU A 119 18.02 9.79 -21.92
CA LEU A 119 18.22 11.22 -22.13
C LEU A 119 19.59 11.50 -22.72
N GLY A 120 20.62 10.83 -22.24
CA GLY A 120 21.96 11.05 -22.78
C GLY A 120 22.10 10.59 -24.22
N LEU A 121 21.57 9.41 -24.53
CA LEU A 121 21.68 8.87 -25.89
C LEU A 121 20.72 9.53 -26.87
N SER A 122 19.75 10.32 -26.39
CA SER A 122 18.90 11.07 -27.29
C SER A 122 19.69 12.09 -28.08
N PHE A 123 20.65 12.77 -27.44
CA PHE A 123 21.40 13.85 -28.06
C PHE A 123 22.61 13.36 -28.86
N TYR A 124 22.87 12.06 -28.88
CA TYR A 124 24.03 11.56 -29.63
C TYR A 124 23.73 11.62 -31.12
N HIS A 125 24.39 12.55 -31.82
CA HIS A 125 24.31 12.68 -33.27
C HIS A 125 25.75 12.72 -33.79
N PRO A 126 26.37 11.56 -33.99
CA PRO A 126 27.78 11.53 -34.38
C PRO A 126 27.99 12.15 -35.75
N PRO A 127 28.97 13.06 -35.89
CA PRO A 127 29.29 13.73 -37.15
C PRO A 127 29.94 12.78 -38.16
N GLU A 148 13.12 15.20 -29.78
CA GLU A 148 11.97 14.31 -29.93
C GLU A 148 12.18 12.98 -29.21
N ALA A 149 12.71 11.99 -29.92
CA ALA A 149 12.96 10.69 -29.32
C ALA A 149 14.00 10.80 -28.23
N GLY A 150 13.79 10.09 -27.13
CA GLY A 150 14.65 10.14 -25.96
C GLY A 150 14.27 11.26 -25.00
N TRP A 151 13.95 12.44 -25.53
CA TRP A 151 13.45 13.53 -24.72
C TRP A 151 12.10 13.22 -24.09
N ILE A 152 11.42 12.19 -24.56
CA ILE A 152 10.10 11.82 -24.08
C ILE A 152 10.15 10.72 -23.03
N GLU A 153 10.88 9.64 -23.32
CA GLU A 153 10.91 8.50 -22.40
C GLU A 153 11.55 8.87 -21.07
N GLY A 154 12.68 9.56 -21.11
CA GLY A 154 13.37 9.92 -19.88
C GLY A 154 12.55 10.83 -18.98
N ALA A 155 11.91 11.84 -19.57
CA ALA A 155 11.07 12.73 -18.79
C ALA A 155 9.90 11.98 -18.16
N ALA A 156 9.29 11.06 -18.91
CA ALA A 156 8.17 10.30 -18.38
C ALA A 156 8.60 9.42 -17.21
N ILE A 157 9.74 8.73 -17.35
CA ILE A 157 10.23 7.88 -16.27
C ILE A 157 10.55 8.71 -15.04
N LEU A 158 11.22 9.85 -15.22
CA LEU A 158 11.55 10.69 -14.07
C LEU A 158 10.29 11.23 -13.40
N LEU A 159 9.28 11.61 -14.19
CA LEU A 159 8.05 12.11 -13.59
C LEU A 159 7.34 11.03 -12.79
N SER A 160 7.28 9.81 -13.31
CA SER A 160 6.64 8.73 -12.56
C SER A 160 7.40 8.43 -11.27
N VAL A 161 8.72 8.44 -11.32
CA VAL A 161 9.51 8.19 -10.11
C VAL A 161 9.27 9.28 -9.07
N ILE A 162 9.22 10.55 -9.51
CA ILE A 162 8.97 11.64 -8.59
C ILE A 162 7.58 11.52 -7.96
N CYS A 163 6.59 11.14 -8.76
CA CYS A 163 5.25 10.94 -8.21
C CYS A 163 5.25 9.84 -7.15
N VAL A 164 5.91 8.72 -7.41
CA VAL A 164 5.98 7.64 -6.44
C VAL A 164 6.60 8.12 -5.14
N VAL A 165 7.75 8.79 -5.25
CA VAL A 165 8.48 9.23 -4.06
C VAL A 165 7.63 10.21 -3.25
N LEU A 166 7.03 11.19 -3.93
CA LEU A 166 6.23 12.19 -3.22
C LEU A 166 5.02 11.55 -2.53
N VAL A 167 4.31 10.66 -3.23
CA VAL A 167 3.13 10.05 -2.63
C VAL A 167 3.51 9.22 -1.41
N THR A 168 4.56 8.40 -1.53
CA THR A 168 4.95 7.57 -0.39
C THR A 168 5.37 8.43 0.80
N ALA A 169 6.21 9.44 0.56
CA ALA A 169 6.69 10.26 1.66
C ALA A 169 5.54 11.01 2.33
N PHE A 170 4.63 11.58 1.53
CA PHE A 170 3.51 12.31 2.11
C PHE A 170 2.60 11.41 2.91
N ASN A 171 2.34 10.20 2.40
CA ASN A 171 1.46 9.29 3.13
C ASN A 171 2.07 8.88 4.46
N ASP A 172 3.37 8.55 4.47
CA ASP A 172 4.02 8.20 5.73
C ASP A 172 4.00 9.38 6.70
N TRP A 173 4.28 10.58 6.20
CA TRP A 173 4.29 11.77 7.06
C TRP A 173 2.92 12.00 7.68
N SER A 174 1.85 11.91 6.87
CA SER A 174 0.51 12.14 7.39
C SER A 174 0.11 11.07 8.38
N LYS A 175 0.40 9.80 8.09
CA LYS A 175 0.01 8.74 9.02
C LYS A 175 0.75 8.86 10.35
N GLU A 176 2.04 9.18 10.32
CA GLU A 176 2.78 9.33 11.57
C GLU A 176 2.30 10.54 12.35
N LYS A 177 1.98 11.64 11.66
CA LYS A 177 1.45 12.81 12.34
C LYS A 177 0.09 12.53 12.96
N GLN A 178 -0.74 11.72 12.30
CA GLN A 178 -2.00 11.28 12.88
C GLN A 178 -1.76 10.43 14.12
N PHE A 179 -0.77 9.53 14.06
CA PHE A 179 -0.51 8.64 15.19
C PHE A 179 -0.03 9.42 16.40
N ARG A 180 0.85 10.41 16.21
CA ARG A 180 1.40 11.12 17.36
C ARG A 180 0.34 11.83 18.17
N GLY A 181 -0.72 12.32 17.51
CA GLY A 181 -1.78 13.00 18.24
C GLY A 181 -2.56 12.08 19.15
N LEU A 182 -2.81 10.85 18.68
CA LEU A 182 -3.64 9.91 19.45
C LEU A 182 -2.95 9.49 20.75
N GLN A 183 -1.64 9.24 20.69
CA GLN A 183 -0.94 8.72 21.86
C GLN A 183 -0.62 9.85 22.84
N SER A 184 -0.25 9.45 24.05
CA SER A 184 0.09 10.41 25.10
C SER A 184 1.16 9.84 26.03
N PHE A 192 6.61 14.05 42.99
CA PHE A 192 6.07 13.29 44.13
C PHE A 192 6.99 13.40 45.34
N THR A 193 6.46 13.02 46.51
CA THR A 193 7.13 13.30 47.77
C THR A 193 8.40 12.47 47.92
N VAL A 194 9.39 13.07 48.58
CA VAL A 194 10.64 12.41 48.90
C VAL A 194 11.26 13.12 50.10
N VAL A 195 11.98 12.37 50.92
CA VAL A 195 12.60 12.91 52.12
C VAL A 195 13.93 13.55 51.76
N ARG A 196 13.90 14.85 51.43
CA ARG A 196 15.13 15.53 51.01
C ARG A 196 16.01 15.85 52.22
N ALA A 197 15.53 16.67 53.14
CA ALA A 197 16.31 17.06 54.33
C ALA A 197 15.35 17.18 55.52
N GLY A 198 15.17 16.08 56.24
CA GLY A 198 14.35 16.07 57.43
C GLY A 198 12.86 16.08 57.14
N GLN A 199 12.37 17.21 56.63
CA GLN A 199 10.96 17.37 56.31
C GLN A 199 10.71 16.97 54.87
N VAL A 200 9.66 16.15 54.66
CA VAL A 200 9.33 15.71 53.31
C VAL A 200 8.81 16.88 52.50
N VAL A 201 9.28 16.98 51.25
CA VAL A 201 8.91 18.08 50.36
C VAL A 201 8.69 17.53 48.95
N GLN A 202 7.75 18.14 48.25
CA GLN A 202 7.48 17.76 46.87
C GLN A 202 8.67 18.10 45.99
N ILE A 203 9.06 17.16 45.13
CA ILE A 203 10.24 17.33 44.28
C ILE A 203 9.86 16.90 42.86
N PRO A 204 10.36 17.60 41.82
CA PRO A 204 10.10 17.14 40.45
C PRO A 204 10.67 15.76 40.20
N VAL A 205 10.01 15.03 39.29
CA VAL A 205 10.37 13.63 39.04
C VAL A 205 11.79 13.53 38.50
N ALA A 206 12.16 14.42 37.58
CA ALA A 206 13.45 14.30 36.89
C ALA A 206 14.64 14.39 37.82
N GLU A 207 14.48 14.97 39.01
CA GLU A 207 15.59 15.15 39.93
C GLU A 207 15.75 14.01 40.93
N ILE A 208 15.03 12.90 40.74
CA ILE A 208 15.19 11.75 41.62
C ILE A 208 16.52 11.07 41.32
N VAL A 209 17.31 10.82 42.37
CA VAL A 209 18.61 10.20 42.24
C VAL A 209 18.63 8.93 43.09
N VAL A 210 19.62 8.08 42.81
CA VAL A 210 19.76 6.83 43.54
C VAL A 210 20.00 7.12 45.02
N GLY A 211 19.25 6.44 45.89
CA GLY A 211 19.34 6.63 47.32
C GLY A 211 18.22 7.46 47.90
N ASP A 212 17.36 8.06 47.08
CA ASP A 212 16.25 8.84 47.59
C ASP A 212 15.29 7.97 48.38
N ILE A 213 14.82 8.49 49.50
CA ILE A 213 13.85 7.80 50.35
C ILE A 213 12.49 8.40 50.05
N ALA A 214 11.61 7.62 49.44
CA ALA A 214 10.35 8.11 48.90
C ALA A 214 9.18 7.56 49.71
N GLN A 215 8.17 8.41 49.91
CA GLN A 215 6.92 8.02 50.55
C GLN A 215 5.86 7.81 49.46
N ILE A 216 5.37 6.58 49.36
CA ILE A 216 4.41 6.20 48.32
C ILE A 216 3.08 5.85 48.97
N LYS A 217 2.01 6.40 48.44
CA LYS A 217 0.66 6.16 48.93
C LYS A 217 -0.18 5.54 47.82
N TYR A 218 -1.45 5.30 48.11
CA TYR A 218 -2.35 4.71 47.13
C TYR A 218 -2.58 5.65 45.96
N GLY A 219 -2.85 5.07 44.79
CA GLY A 219 -3.12 5.84 43.60
C GLY A 219 -1.90 6.44 42.92
N ASP A 220 -0.72 6.28 43.50
CA ASP A 220 0.48 6.87 42.94
C ASP A 220 1.05 6.01 41.81
N LEU A 221 1.94 6.62 41.03
CA LEU A 221 2.66 5.93 39.97
C LEU A 221 4.14 5.93 40.32
N LEU A 222 4.74 4.74 40.37
CA LEU A 222 6.12 4.62 40.78
C LEU A 222 7.04 5.22 39.73
N PRO A 223 7.90 6.18 40.10
CA PRO A 223 8.77 6.83 39.10
C PRO A 223 10.01 6.03 38.77
N ALA A 224 10.51 5.23 39.71
CA ALA A 224 11.76 4.53 39.51
C ALA A 224 11.76 3.24 40.32
N ASP A 225 12.65 2.32 39.94
CA ASP A 225 12.79 1.06 40.64
C ASP A 225 13.36 1.29 42.03
N GLY A 226 13.31 0.25 42.86
CA GLY A 226 13.87 0.37 44.19
C GLY A 226 13.54 -0.84 45.04
N LEU A 227 13.95 -0.75 46.30
CA LEU A 227 13.72 -1.78 47.30
C LEU A 227 12.62 -1.34 48.26
N PHE A 228 12.16 -2.29 49.07
CA PHE A 228 11.08 -2.07 50.02
C PHE A 228 11.65 -2.06 51.43
N ILE A 229 11.42 -0.97 52.16
CA ILE A 229 11.93 -0.83 53.52
C ILE A 229 10.87 -1.27 54.52
N GLN A 230 9.73 -0.58 54.54
CA GLN A 230 8.67 -0.89 55.49
C GLN A 230 7.36 -0.32 54.96
N GLY A 231 6.27 -1.05 55.21
CA GLY A 231 4.96 -0.60 54.76
C GLY A 231 3.87 -1.48 55.34
N ASN A 232 2.64 -1.04 55.12
CA ASN A 232 1.45 -1.71 55.67
C ASN A 232 0.69 -2.37 54.51
N ASP A 233 1.11 -3.59 54.18
CA ASP A 233 0.43 -4.45 53.20
C ASP A 233 0.18 -3.72 51.89
N LEU A 234 1.27 -3.40 51.19
CA LEU A 234 1.17 -2.78 49.88
C LEU A 234 0.68 -3.80 48.86
N LYS A 235 -0.33 -3.42 48.08
CA LYS A 235 -0.80 -4.20 46.95
C LYS A 235 -0.71 -3.36 45.68
N ILE A 236 -0.01 -3.89 44.68
CA ILE A 236 0.32 -3.16 43.46
C ILE A 236 -0.12 -3.98 42.25
N ASP A 237 -0.35 -3.27 41.14
CA ASP A 237 -0.80 -3.87 39.89
C ASP A 237 0.31 -3.74 38.86
N GLU A 238 0.93 -4.87 38.50
CA GLU A 238 2.03 -4.91 37.55
C GLU A 238 1.62 -5.62 36.25
N SER A 239 0.39 -5.36 35.79
CA SER A 239 -0.10 -6.04 34.60
C SER A 239 0.55 -5.51 33.33
N SER A 240 0.91 -4.23 33.30
CA SER A 240 1.50 -3.65 32.11
C SER A 240 2.95 -4.08 31.90
N LEU A 241 3.68 -4.36 32.98
CA LEU A 241 5.07 -4.80 32.87
C LEU A 241 5.19 -6.32 32.91
N THR A 242 4.76 -6.93 34.02
CA THR A 242 4.95 -8.37 34.19
C THR A 242 3.96 -9.18 33.36
N GLY A 243 2.73 -8.69 33.23
CA GLY A 243 1.67 -9.45 32.60
C GLY A 243 0.78 -10.20 33.56
N GLU A 244 1.05 -10.15 34.86
CA GLU A 244 0.25 -10.86 35.85
C GLU A 244 -0.97 -10.03 36.21
N SER A 245 -2.15 -10.64 36.07
CA SER A 245 -3.40 -9.95 36.38
C SER A 245 -3.65 -9.82 37.86
N ASP A 246 -3.17 -10.79 38.66
CA ASP A 246 -3.38 -10.75 40.10
C ASP A 246 -2.58 -9.61 40.72
N GLN A 247 -3.20 -8.93 41.68
CA GLN A 247 -2.50 -7.86 42.40
C GLN A 247 -1.46 -8.48 43.32
N VAL A 248 -0.24 -7.96 43.26
CA VAL A 248 0.89 -8.52 44.00
C VAL A 248 1.04 -7.80 45.33
N ARG A 249 1.32 -8.56 46.37
CA ARG A 249 1.51 -8.03 47.71
C ARG A 249 3.00 -7.90 47.99
N LYS A 250 3.43 -6.68 48.28
CA LYS A 250 4.84 -6.39 48.54
C LYS A 250 5.07 -6.39 50.05
N SER A 251 5.95 -7.27 50.50
CA SER A 251 6.34 -7.36 51.90
C SER A 251 7.85 -7.28 52.01
N VAL A 252 8.33 -7.25 53.27
CA VAL A 252 9.76 -7.10 53.51
C VAL A 252 10.52 -8.36 53.13
N ASP A 253 9.86 -9.52 53.13
CA ASP A 253 10.53 -10.80 52.90
C ASP A 253 10.04 -11.54 51.67
N LYS A 254 8.74 -11.57 51.40
CA LYS A 254 8.22 -12.39 50.30
C LYS A 254 8.69 -11.88 48.95
N ASP A 255 8.50 -10.58 48.68
CA ASP A 255 8.89 -10.02 47.40
C ASP A 255 9.04 -8.50 47.50
N PRO A 256 10.20 -8.00 47.90
CA PRO A 256 10.41 -6.55 48.01
C PRO A 256 10.96 -5.94 46.71
N MET A 257 10.26 -6.18 45.61
CA MET A 257 10.70 -5.74 44.29
C MET A 257 9.74 -4.69 43.77
N LEU A 258 10.22 -3.45 43.68
CA LEU A 258 9.42 -2.32 43.19
C LEU A 258 9.89 -1.96 41.78
N LEU A 259 8.94 -1.86 40.86
CA LEU A 259 9.24 -1.56 39.47
C LEU A 259 8.62 -0.23 39.07
N SER A 260 9.31 0.49 38.19
CA SER A 260 8.82 1.75 37.67
C SER A 260 7.71 1.51 36.65
N GLY A 261 6.71 2.39 36.66
CA GLY A 261 5.59 2.27 35.76
C GLY A 261 4.43 1.46 36.28
N THR A 262 4.57 0.81 37.42
CA THR A 262 3.47 0.09 38.04
C THR A 262 2.69 1.00 38.96
N HIS A 263 1.38 0.75 39.05
CA HIS A 263 0.47 1.59 39.81
C HIS A 263 0.19 0.94 41.15
N VAL A 264 0.57 1.60 42.24
CA VAL A 264 0.31 1.10 43.58
C VAL A 264 -1.17 1.33 43.90
N MET A 265 -1.89 0.25 44.16
CA MET A 265 -3.34 0.33 44.29
C MET A 265 -3.81 0.46 45.74
N GLU A 266 -3.13 -0.18 46.69
CA GLU A 266 -3.50 0.04 48.08
C GLU A 266 -2.28 -0.08 48.98
N GLY A 267 -2.34 0.60 50.12
CA GLY A 267 -1.27 0.58 51.09
C GLY A 267 -0.29 1.72 50.90
N SER A 268 0.46 2.01 51.97
CA SER A 268 1.49 3.04 51.97
C SER A 268 2.76 2.47 52.58
N GLY A 269 3.90 2.98 52.11
CA GLY A 269 5.17 2.45 52.58
C GLY A 269 6.31 3.39 52.27
N ARG A 270 7.52 2.88 52.50
CA ARG A 270 8.75 3.63 52.33
C ARG A 270 9.69 2.83 51.45
N MET A 271 10.30 3.49 50.46
CA MET A 271 11.16 2.83 49.50
C MET A 271 12.43 3.65 49.28
N VAL A 272 13.48 2.98 48.81
CA VAL A 272 14.73 3.62 48.44
C VAL A 272 14.99 3.33 46.96
N VAL A 273 15.37 4.37 46.21
CA VAL A 273 15.53 4.25 44.77
C VAL A 273 16.86 3.57 44.46
N THR A 274 16.83 2.66 43.49
CA THR A 274 18.04 1.95 43.06
C THR A 274 18.33 2.07 41.57
N ALA A 275 17.30 2.07 40.72
CA ALA A 275 17.48 2.19 39.28
C ALA A 275 16.72 3.43 38.82
N VAL A 276 17.46 4.46 38.42
CA VAL A 276 16.86 5.77 38.15
C VAL A 276 16.55 5.95 36.66
N GLY A 277 17.59 5.89 35.83
CA GLY A 277 17.43 6.27 34.43
C GLY A 277 16.90 5.16 33.54
N VAL A 278 17.58 4.94 32.42
CA VAL A 278 17.21 3.89 31.48
C VAL A 278 17.59 2.53 32.06
N ASN A 279 18.22 2.53 33.22
CA ASN A 279 18.59 1.29 33.90
C ASN A 279 17.39 0.60 34.54
N SER A 280 16.25 1.26 34.63
CA SER A 280 15.04 0.63 35.14
C SER A 280 14.51 -0.38 34.14
N GLN A 281 13.60 -1.23 34.60
CA GLN A 281 13.11 -2.32 33.76
C GLN A 281 12.37 -1.80 32.53
N THR A 282 11.70 -0.66 32.64
CA THR A 282 11.06 -0.06 31.47
C THR A 282 12.10 0.57 30.55
N GLY A 283 13.08 1.26 31.11
CA GLY A 283 14.08 1.93 30.30
C GLY A 283 14.94 0.98 29.50
N ILE A 284 15.25 -0.20 30.06
CA ILE A 284 16.06 -1.17 29.33
C ILE A 284 15.34 -1.62 28.07
N ILE A 285 14.05 -1.96 28.20
CA ILE A 285 13.26 -2.37 27.05
C ILE A 285 13.11 -1.22 26.06
N PHE A 286 12.95 0.00 26.57
CA PHE A 286 12.78 1.16 25.69
C PHE A 286 14.04 1.39 24.85
N THR A 287 15.21 1.34 25.49
CA THR A 287 16.46 1.53 24.75
C THR A 287 16.75 0.37 23.82
N LEU A 288 16.34 -0.85 24.20
CA LEU A 288 16.53 -2.00 23.32
C LEU A 288 15.82 -1.81 21.99
N LEU A 289 14.68 -1.13 21.99
CA LEU A 289 13.99 -0.81 20.75
C LEU A 289 14.71 0.33 20.04
N GLY A 290 14.48 0.40 18.73
CA GLY A 290 15.08 1.45 17.91
C GLY A 290 14.59 2.84 18.26
N LYS A 338 12.68 -4.72 4.79
CA LYS A 338 11.86 -4.93 3.62
C LYS A 338 10.68 -5.85 3.94
N SER A 339 9.51 -5.50 3.42
CA SER A 339 8.30 -6.26 3.68
C SER A 339 8.28 -7.54 2.84
N VAL A 340 7.30 -8.39 3.13
CA VAL A 340 7.14 -9.64 2.38
C VAL A 340 6.75 -9.37 0.94
N LEU A 341 5.95 -8.32 0.71
CA LEU A 341 5.52 -8.01 -0.65
C LEU A 341 6.65 -7.47 -1.51
N GLN A 342 7.55 -6.67 -0.91
CA GLN A 342 8.60 -6.03 -1.70
C GLN A 342 9.60 -7.04 -2.26
N GLY A 343 9.87 -8.13 -1.53
CA GLY A 343 10.76 -9.14 -2.07
C GLY A 343 10.22 -9.79 -3.34
N LYS A 344 8.93 -10.11 -3.35
CA LYS A 344 8.31 -10.66 -4.55
C LYS A 344 8.38 -9.67 -5.70
N LEU A 345 8.12 -8.39 -5.42
CA LEU A 345 8.14 -7.39 -6.47
C LEU A 345 9.54 -7.20 -7.04
N THR A 346 10.57 -7.22 -6.21
CA THR A 346 11.92 -7.10 -6.74
C THR A 346 12.35 -8.34 -7.51
N LYS A 347 11.94 -9.54 -7.07
CA LYS A 347 12.25 -10.74 -7.85
C LYS A 347 11.59 -10.69 -9.23
N LEU A 348 10.33 -10.27 -9.27
CA LEU A 348 9.67 -10.09 -10.56
C LEU A 348 10.39 -9.04 -11.41
N ALA A 349 10.84 -7.97 -10.77
CA ALA A 349 11.55 -6.92 -11.50
C ALA A 349 12.82 -7.46 -12.16
N VAL A 350 13.61 -8.24 -11.42
CA VAL A 350 14.85 -8.76 -12.00
C VAL A 350 14.55 -9.75 -13.11
N GLN A 351 13.49 -10.56 -12.97
CA GLN A 351 13.15 -11.48 -14.06
C GLN A 351 12.74 -10.73 -15.32
N ILE A 352 11.91 -9.69 -15.17
CA ILE A 352 11.50 -8.89 -16.34
C ILE A 352 12.71 -8.21 -16.95
N GLY A 353 13.63 -7.72 -16.12
CA GLY A 353 14.82 -7.08 -16.65
C GLY A 353 15.68 -8.04 -17.45
N LYS A 354 15.84 -9.27 -16.97
CA LYS A 354 16.60 -10.26 -17.73
C LYS A 354 15.94 -10.58 -19.05
N ALA A 355 14.61 -10.70 -19.07
CA ALA A 355 13.91 -10.96 -20.33
C ALA A 355 14.12 -9.81 -21.32
N GLY A 356 13.99 -8.57 -20.84
CA GLY A 356 14.20 -7.43 -21.72
C GLY A 356 15.63 -7.37 -22.25
N LEU A 357 16.60 -7.71 -21.40
CA LEU A 357 17.99 -7.74 -21.84
C LEU A 357 18.20 -8.78 -22.92
N VAL A 358 17.56 -9.96 -22.78
CA VAL A 358 17.68 -10.98 -23.81
C VAL A 358 17.09 -10.49 -25.13
N MET A 359 15.94 -9.82 -25.07
CA MET A 359 15.33 -9.29 -26.30
C MET A 359 16.25 -8.27 -26.97
N SER A 360 16.83 -7.37 -26.18
CA SER A 360 17.73 -6.37 -26.75
C SER A 360 18.96 -7.02 -27.39
N ALA A 361 19.53 -8.03 -26.72
CA ALA A 361 20.70 -8.72 -27.28
C ALA A 361 20.34 -9.40 -28.59
N ILE A 362 19.16 -10.01 -28.66
CA ILE A 362 18.73 -10.67 -29.89
C ILE A 362 18.61 -9.67 -31.03
N THR A 363 18.00 -8.51 -30.77
CA THR A 363 17.85 -7.53 -31.85
C THR A 363 19.19 -6.99 -32.32
N VAL A 364 20.13 -6.75 -31.38
CA VAL A 364 21.43 -6.25 -31.80
C VAL A 364 22.19 -7.30 -32.62
N ILE A 365 22.12 -8.56 -32.19
CA ILE A 365 22.77 -9.62 -32.95
C ILE A 365 22.18 -9.73 -34.34
N ILE A 366 20.85 -9.63 -34.46
CA ILE A 366 20.22 -9.72 -35.78
C ILE A 366 20.71 -8.61 -36.69
N LEU A 367 20.74 -7.37 -36.17
CA LEU A 367 21.18 -6.25 -37.00
C LEU A 367 22.63 -6.40 -37.44
N VAL A 368 23.51 -6.79 -36.51
CA VAL A 368 24.93 -6.91 -36.83
C VAL A 368 25.14 -8.02 -37.85
N LEU A 369 24.46 -9.16 -37.67
CA LEU A 369 24.58 -10.25 -38.62
C LEU A 369 24.08 -9.84 -40.00
N TYR A 370 22.97 -9.11 -40.06
CA TYR A 370 22.46 -8.64 -41.35
C TYR A 370 23.50 -7.77 -42.05
N PHE A 371 24.06 -6.79 -41.34
CA PHE A 371 25.04 -5.91 -41.94
C PHE A 371 26.24 -6.73 -42.44
N THR A 372 26.78 -7.59 -41.58
CA THR A 372 27.97 -8.35 -41.95
C THR A 372 27.72 -9.24 -43.16
N VAL A 373 26.57 -9.93 -43.19
CA VAL A 373 26.27 -10.80 -44.31
C VAL A 373 26.10 -10.01 -45.58
N ASP A 374 25.39 -8.88 -45.52
CA ASP A 374 25.11 -8.12 -46.74
C ASP A 374 26.39 -7.53 -47.32
N THR A 375 27.17 -6.83 -46.49
CA THR A 375 28.30 -6.05 -47.02
C THR A 375 29.50 -6.93 -47.34
N PHE A 376 29.87 -7.84 -46.43
CA PHE A 376 31.12 -8.56 -46.58
C PHE A 376 31.06 -9.61 -47.69
N VAL A 377 29.87 -10.11 -48.01
CA VAL A 377 29.75 -11.20 -48.96
C VAL A 377 29.63 -10.70 -50.39
N VAL A 378 28.69 -9.79 -50.64
CA VAL A 378 28.42 -9.36 -52.02
C VAL A 378 29.45 -8.33 -52.47
N ASN A 379 29.63 -7.26 -51.69
CA ASN A 379 30.53 -6.19 -52.10
C ASN A 379 31.99 -6.57 -51.92
N LYS A 380 32.31 -7.30 -50.85
CA LYS A 380 33.68 -7.74 -50.55
C LYS A 380 34.63 -6.54 -50.44
N LYS A 381 34.37 -5.71 -49.44
CA LYS A 381 35.17 -4.52 -49.22
C LYS A 381 36.57 -4.89 -48.73
N PRO A 382 37.56 -4.02 -48.94
CA PRO A 382 38.93 -4.35 -48.51
C PRO A 382 39.07 -4.65 -47.03
N TRP A 383 38.28 -4.00 -46.19
CA TRP A 383 38.26 -4.26 -44.74
C TRP A 383 39.59 -3.92 -44.07
N LEU A 384 40.43 -3.10 -44.71
CA LEU A 384 41.72 -2.72 -44.15
C LEU A 384 41.66 -1.38 -43.42
N THR A 385 41.28 -0.31 -44.13
CA THR A 385 41.22 1.02 -43.54
C THR A 385 39.89 1.74 -43.74
N GLU A 386 39.11 1.40 -44.77
CA GLU A 386 37.88 2.12 -45.04
C GLU A 386 36.86 1.91 -43.92
N CYS A 387 36.88 0.76 -43.26
CA CYS A 387 35.86 0.43 -42.28
C CYS A 387 36.00 1.21 -40.98
N THR A 388 37.11 1.88 -40.74
CA THR A 388 37.40 2.42 -39.41
C THR A 388 36.30 3.36 -38.89
N PRO A 389 35.89 4.42 -39.60
CA PRO A 389 34.78 5.24 -39.08
C PRO A 389 33.41 4.61 -39.31
N VAL A 390 33.20 4.09 -40.51
CA VAL A 390 31.85 3.70 -40.95
C VAL A 390 31.35 2.52 -40.14
N TYR A 391 32.17 1.49 -40.00
CA TYR A 391 31.73 0.28 -39.30
C TYR A 391 31.46 0.55 -37.84
N VAL A 392 32.31 1.35 -37.18
CA VAL A 392 32.10 1.63 -35.77
C VAL A 392 30.86 2.50 -35.58
N GLN A 393 30.62 3.45 -36.49
CA GLN A 393 29.41 4.27 -36.35
C GLN A 393 28.16 3.42 -36.58
N TYR A 394 28.21 2.49 -37.53
CA TYR A 394 27.07 1.60 -37.76
C TYR A 394 26.81 0.71 -36.56
N PHE A 395 27.87 0.17 -35.96
CA PHE A 395 27.70 -0.69 -34.80
C PHE A 395 27.17 0.10 -33.61
N VAL A 396 27.62 1.34 -33.44
CA VAL A 396 27.09 2.19 -32.38
C VAL A 396 25.62 2.48 -32.61
N LYS A 397 25.23 2.72 -33.87
CA LYS A 397 23.82 2.94 -34.16
C LYS A 397 22.97 1.72 -33.84
N PHE A 398 23.47 0.53 -34.19
CA PHE A 398 22.75 -0.70 -33.84
C PHE A 398 22.64 -0.88 -32.34
N PHE A 399 23.70 -0.53 -31.61
CA PHE A 399 23.66 -0.62 -30.15
C PHE A 399 22.61 0.33 -29.59
N ILE A 400 22.51 1.54 -30.15
CA ILE A 400 21.50 2.48 -29.70
C ILE A 400 20.10 1.96 -29.98
N ILE A 401 19.91 1.30 -31.14
CA ILE A 401 18.62 0.71 -31.45
C ILE A 401 18.28 -0.38 -30.44
N GLY A 402 19.27 -1.20 -30.08
CA GLY A 402 19.05 -2.22 -29.05
C GLY A 402 18.67 -1.63 -27.71
N VAL A 403 19.37 -0.55 -27.31
CA VAL A 403 19.02 0.12 -26.06
C VAL A 403 17.60 0.67 -26.12
N THR A 404 17.20 1.18 -27.28
CA THR A 404 15.83 1.65 -27.46
C THR A 404 14.83 0.52 -27.26
N VAL A 405 15.12 -0.66 -27.82
CA VAL A 405 14.23 -1.80 -27.63
C VAL A 405 14.19 -2.23 -26.17
N LEU A 406 15.32 -2.11 -25.46
CA LEU A 406 15.36 -2.53 -24.06
C LEU A 406 14.40 -1.74 -23.19
N VAL A 407 14.30 -0.43 -23.41
CA VAL A 407 13.45 0.42 -22.58
C VAL A 407 11.98 0.05 -22.73
N VAL A 408 11.56 -0.38 -23.92
CA VAL A 408 10.16 -0.69 -24.17
C VAL A 408 9.69 -1.84 -23.29
N ALA A 409 10.57 -2.82 -23.04
CA ALA A 409 10.18 -4.00 -22.27
C ALA A 409 9.92 -3.68 -20.81
N VAL A 410 10.64 -2.70 -20.25
CA VAL A 410 10.56 -2.41 -18.82
C VAL A 410 9.24 -1.72 -18.48
N PRO A 411 8.46 -2.25 -17.55
CA PRO A 411 7.23 -1.58 -17.11
C PRO A 411 7.56 -0.41 -16.19
N GLU A 412 7.16 0.79 -16.60
CA GLU A 412 7.48 2.00 -15.85
C GLU A 412 6.36 2.45 -14.91
N GLY A 413 5.13 2.05 -15.17
CA GLY A 413 4.02 2.41 -14.32
C GLY A 413 3.70 1.45 -13.21
N LEU A 414 4.51 0.40 -13.04
CA LEU A 414 4.25 -0.57 -11.97
C LEU A 414 4.41 0.03 -10.58
N PRO A 415 5.52 0.71 -10.24
CA PRO A 415 5.63 1.26 -8.88
C PRO A 415 4.53 2.25 -8.52
N LEU A 416 4.15 3.11 -9.46
CA LEU A 416 3.09 4.08 -9.16
C LEU A 416 1.75 3.39 -8.95
N ALA A 417 1.46 2.36 -9.75
CA ALA A 417 0.22 1.62 -9.57
C ALA A 417 0.18 0.94 -8.21
N VAL A 418 1.29 0.29 -7.82
CA VAL A 418 1.34 -0.36 -6.52
C VAL A 418 1.18 0.65 -5.40
N THR A 419 1.84 1.81 -5.53
CA THR A 419 1.76 2.83 -4.49
C THR A 419 0.34 3.37 -4.33
N ILE A 420 -0.34 3.67 -5.44
CA ILE A 420 -1.69 4.21 -5.32
C ILE A 420 -2.67 3.16 -4.81
N SER A 421 -2.50 1.90 -5.22
CA SER A 421 -3.35 0.84 -4.69
C SER A 421 -3.17 0.68 -3.19
N LEU A 422 -1.91 0.69 -2.73
CA LEU A 422 -1.64 0.57 -1.30
C LEU A 422 -2.21 1.76 -0.53
N ALA A 423 -2.08 2.98 -1.08
CA ALA A 423 -2.61 4.15 -0.39
C ALA A 423 -4.12 4.10 -0.27
N TYR A 424 -4.81 3.71 -1.35
CA TYR A 424 -6.26 3.58 -1.29
C TYR A 424 -6.68 2.54 -0.27
N SER A 425 -5.99 1.39 -0.24
CA SER A 425 -6.36 0.35 0.70
C SER A 425 -6.09 0.77 2.14
N VAL A 426 -5.02 1.51 2.38
CA VAL A 426 -4.76 2.01 3.73
C VAL A 426 -5.86 2.97 4.17
N LYS A 427 -6.29 3.86 3.27
CA LYS A 427 -7.36 4.78 3.62
C LYS A 427 -8.65 4.04 3.91
N LYS A 428 -8.96 3.00 3.13
CA LYS A 428 -10.17 2.22 3.40
C LYS A 428 -10.05 1.45 4.71
N MET A 429 -8.86 0.94 5.03
CA MET A 429 -8.68 0.17 6.25
C MET A 429 -8.78 1.04 7.48
N MET A 430 -8.41 2.32 7.38
CA MET A 430 -8.49 3.20 8.53
C MET A 430 -9.91 3.33 9.06
N LYS A 431 -10.91 3.18 8.19
CA LYS A 431 -12.30 3.25 8.63
C LYS A 431 -12.76 1.99 9.36
N ASP A 432 -11.99 0.90 9.29
CA ASP A 432 -12.22 -0.28 10.11
C ASP A 432 -11.42 -0.23 11.41
N ASN A 433 -11.03 0.96 11.85
CA ASN A 433 -10.32 1.17 13.11
C ASN A 433 -8.95 0.50 13.14
N ASN A 434 -8.29 0.42 11.98
CA ASN A 434 -6.91 -0.01 11.88
C ASN A 434 -6.07 1.16 11.41
N LEU A 435 -5.15 1.62 12.26
CA LEU A 435 -4.22 2.69 11.92
C LEU A 435 -2.93 2.05 11.42
N VAL A 436 -2.68 2.14 10.12
CA VAL A 436 -1.45 1.63 9.51
C VAL A 436 -0.46 2.77 9.41
N ARG A 437 0.82 2.49 9.66
CA ARG A 437 1.81 3.54 9.81
C ARG A 437 2.80 3.65 8.66
N HIS A 438 3.17 2.55 8.01
CA HIS A 438 4.23 2.59 7.01
C HIS A 438 3.77 2.33 5.58
N LEU A 439 2.50 1.98 5.37
CA LEU A 439 1.92 1.79 4.03
C LEU A 439 2.42 0.53 3.35
N ASP A 440 3.44 -0.13 3.91
CA ASP A 440 3.91 -1.40 3.39
C ASP A 440 3.47 -2.57 4.26
N ALA A 441 2.81 -2.31 5.38
CA ALA A 441 2.29 -3.34 6.27
C ALA A 441 0.85 -3.69 6.00
N CYS A 442 0.20 -3.04 5.03
CA CYS A 442 -1.21 -3.30 4.78
C CYS A 442 -1.45 -4.63 4.09
N GLU A 443 -0.41 -5.26 3.53
CA GLU A 443 -0.55 -6.51 2.82
C GLU A 443 -0.13 -7.73 3.62
N THR A 444 0.76 -7.57 4.61
CA THR A 444 1.38 -8.73 5.24
C THR A 444 0.35 -9.64 5.91
N MET A 445 -0.59 -9.05 6.64
CA MET A 445 -1.54 -9.86 7.42
C MET A 445 -2.40 -10.74 6.53
N GLY A 446 -2.52 -10.42 5.25
CA GLY A 446 -3.25 -11.27 4.34
C GLY A 446 -2.64 -12.67 4.21
N ASN A 447 -1.32 -12.76 4.28
CA ASN A 447 -0.63 -14.04 4.08
C ASN A 447 -0.01 -14.58 5.35
N ALA A 448 -0.46 -14.09 6.52
CA ALA A 448 0.08 -14.58 7.78
C ALA A 448 -0.33 -16.02 8.03
N THR A 449 0.59 -16.78 8.63
CA THR A 449 0.36 -18.19 8.92
C THR A 449 0.30 -18.49 10.41
N ALA A 450 0.65 -17.53 11.26
CA ALA A 450 0.60 -17.74 12.71
C ALA A 450 0.33 -16.42 13.40
N ILE A 451 -0.21 -16.51 14.61
CA ILE A 451 -0.43 -15.35 15.47
C ILE A 451 0.02 -15.71 16.87
N CYS A 452 0.73 -14.80 17.52
CA CYS A 452 1.11 -14.93 18.92
C CYS A 452 0.42 -13.80 19.69
N SER A 453 -0.39 -14.16 20.67
CA SER A 453 -1.26 -13.22 21.36
C SER A 453 -0.94 -13.18 22.84
N ASP A 454 -0.85 -11.96 23.38
CA ASP A 454 -0.79 -11.76 24.82
C ASP A 454 -2.15 -12.12 25.43
N LYS A 455 -2.14 -12.46 26.72
CA LYS A 455 -3.39 -12.77 27.40
C LYS A 455 -3.99 -11.56 28.10
N THR A 456 -3.27 -11.00 29.09
CA THR A 456 -3.80 -9.94 29.91
C THR A 456 -3.82 -8.63 29.12
N GLY A 457 -5.01 -8.07 28.93
CA GLY A 457 -5.19 -6.85 28.18
C GLY A 457 -5.54 -7.06 26.72
N THR A 458 -5.07 -8.14 26.12
CA THR A 458 -5.35 -8.42 24.71
C THR A 458 -6.56 -9.33 24.54
N LEU A 459 -6.50 -10.52 25.11
CA LEU A 459 -7.65 -11.44 25.04
C LEU A 459 -8.64 -11.23 26.17
N THR A 460 -8.19 -10.71 27.31
CA THR A 460 -9.05 -10.40 28.44
C THR A 460 -9.16 -8.89 28.59
N THR A 461 -10.12 -8.46 29.43
CA THR A 461 -10.37 -7.05 29.65
C THR A 461 -9.50 -6.44 30.74
N ASN A 462 -8.71 -7.25 31.45
CA ASN A 462 -7.84 -6.78 32.52
C ASN A 462 -8.63 -6.12 33.66
N ARG A 463 -9.89 -6.49 33.82
CA ARG A 463 -10.72 -5.98 34.90
C ARG A 463 -11.42 -7.14 35.59
N MET A 464 -11.36 -7.17 36.91
CA MET A 464 -11.96 -8.25 37.67
C MET A 464 -13.46 -8.01 37.82
N THR A 465 -14.26 -8.93 37.29
CA THR A 465 -15.71 -8.80 37.30
C THR A 465 -16.36 -10.07 37.79
N VAL A 466 -17.57 -9.93 38.32
CA VAL A 466 -18.39 -11.07 38.74
C VAL A 466 -19.20 -11.53 37.53
N VAL A 467 -19.07 -12.81 37.20
CA VAL A 467 -19.66 -13.37 35.98
C VAL A 467 -20.88 -14.23 36.28
N GLN A 468 -20.82 -15.06 37.31
CA GLN A 468 -21.94 -15.93 37.67
C GLN A 468 -22.11 -15.92 39.18
N ALA A 469 -23.35 -16.10 39.63
CA ALA A 469 -23.67 -15.92 41.04
C ALA A 469 -24.70 -16.94 41.50
N TYR A 470 -24.56 -17.38 42.75
CA TYR A 470 -25.47 -18.33 43.37
C TYR A 470 -26.15 -17.62 44.53
N VAL A 471 -27.42 -17.25 44.34
CA VAL A 471 -28.18 -16.52 45.34
C VAL A 471 -29.54 -17.18 45.53
N GLY A 472 -29.96 -17.30 46.78
CA GLY A 472 -31.29 -17.82 47.09
C GLY A 472 -31.55 -19.21 46.53
N ASP A 473 -30.58 -20.11 46.65
CA ASP A 473 -30.65 -21.48 46.12
C ASP A 473 -30.89 -21.51 44.61
N VAL A 474 -30.63 -20.39 43.93
CA VAL A 474 -30.72 -20.31 42.47
C VAL A 474 -29.34 -19.91 41.96
N HIS A 475 -28.78 -20.72 41.07
CA HIS A 475 -27.47 -20.47 40.50
C HIS A 475 -27.64 -19.94 39.07
N TYR A 476 -27.24 -18.69 38.86
CA TYR A 476 -27.31 -18.04 37.56
C TYR A 476 -25.91 -18.01 36.97
N LYS A 477 -25.73 -18.68 35.83
CA LYS A 477 -24.46 -18.67 35.13
C LYS A 477 -24.18 -17.30 34.50
N GLU A 478 -25.21 -16.48 34.34
CA GLU A 478 -25.05 -15.11 33.85
C GLU A 478 -25.71 -14.16 34.83
N ILE A 479 -25.25 -12.92 34.82
CA ILE A 479 -25.75 -11.93 35.77
C ILE A 479 -27.21 -11.62 35.44
N PRO A 480 -28.12 -11.81 36.39
CA PRO A 480 -29.54 -11.64 36.11
C PRO A 480 -29.97 -10.17 36.16
N ASP A 481 -31.22 -9.94 35.77
CA ASP A 481 -31.78 -8.60 35.80
C ASP A 481 -32.04 -8.17 37.24
N PRO A 482 -32.20 -6.87 37.49
CA PRO A 482 -32.32 -6.40 38.89
C PRO A 482 -33.46 -7.01 39.67
N SER A 483 -34.56 -7.39 39.01
CA SER A 483 -35.75 -7.88 39.69
C SER A 483 -36.03 -9.35 39.39
N SER A 484 -34.97 -10.17 39.34
CA SER A 484 -35.16 -11.61 39.18
C SER A 484 -35.91 -12.20 40.37
N ILE A 485 -35.32 -12.11 41.56
CA ILE A 485 -35.99 -12.56 42.77
C ILE A 485 -36.83 -11.46 43.39
N ASN A 486 -36.42 -10.20 43.26
CA ASN A 486 -37.20 -9.03 43.67
C ASN A 486 -37.59 -9.11 45.15
N ALA A 487 -36.59 -9.33 45.99
CA ALA A 487 -36.77 -9.41 47.43
C ALA A 487 -35.88 -8.38 48.13
N LYS A 488 -36.13 -8.21 49.43
CA LYS A 488 -35.29 -7.33 50.24
C LYS A 488 -33.88 -7.87 50.43
N THR A 489 -33.64 -9.13 50.07
CA THR A 489 -32.30 -9.68 50.16
C THR A 489 -31.33 -8.94 49.24
N LEU A 490 -31.81 -8.44 48.09
CA LEU A 490 -30.96 -7.63 47.24
C LEU A 490 -30.59 -6.31 47.91
N GLU A 491 -31.55 -5.69 48.60
CA GLU A 491 -31.23 -4.48 49.36
C GLU A 491 -30.21 -4.78 50.44
N LEU A 492 -30.37 -5.91 51.14
CA LEU A 492 -29.40 -6.30 52.15
C LEU A 492 -28.01 -6.51 51.54
N LEU A 493 -27.96 -7.15 50.38
CA LEU A 493 -26.68 -7.38 49.70
C LEU A 493 -26.02 -6.07 49.32
N VAL A 494 -26.80 -5.14 48.75
CA VAL A 494 -26.25 -3.85 48.33
C VAL A 494 -25.73 -3.09 49.54
N ASN A 495 -26.50 -3.06 50.63
CA ASN A 495 -26.05 -2.37 51.84
C ASN A 495 -24.80 -3.01 52.42
N ALA A 496 -24.76 -4.34 52.44
CA ALA A 496 -23.60 -5.04 52.99
C ALA A 496 -22.34 -4.74 52.18
N ILE A 497 -22.46 -4.79 50.85
CA ILE A 497 -21.30 -4.49 50.01
C ILE A 497 -20.87 -3.04 50.17
N ALA A 498 -21.83 -2.10 50.19
CA ALA A 498 -21.48 -0.70 50.27
C ALA A 498 -20.83 -0.33 51.60
N ILE A 499 -21.37 -0.85 52.71
CA ILE A 499 -20.87 -0.44 54.02
C ILE A 499 -19.64 -1.26 54.43
N ASN A 500 -19.57 -2.53 54.03
CA ASN A 500 -18.44 -3.36 54.42
C ASN A 500 -17.13 -2.80 53.89
N SER A 501 -17.10 -2.45 52.60
CA SER A 501 -15.93 -1.82 52.02
C SER A 501 -16.36 -1.04 50.78
N ALA A 502 -15.81 0.17 50.64
CA ALA A 502 -16.15 1.17 49.63
C ALA A 502 -15.71 2.54 50.12
N TYR A 503 -14.73 2.56 51.03
CA TYR A 503 -14.28 3.82 51.61
C TYR A 503 -13.42 4.60 50.61
N THR A 504 -12.29 4.01 50.20
CA THR A 504 -11.42 4.62 49.20
C THR A 504 -11.61 4.03 47.81
N THR A 505 -12.01 2.76 47.73
CA THR A 505 -12.22 2.12 46.44
C THR A 505 -13.52 2.61 45.83
N LYS A 506 -13.42 3.26 44.67
CA LYS A 506 -14.57 3.81 43.98
C LYS A 506 -14.43 3.55 42.49
N ILE A 507 -15.56 3.64 41.78
CA ILE A 507 -15.60 3.49 40.33
C ILE A 507 -16.10 4.82 39.75
N LEU A 508 -15.32 5.37 38.82
CA LEU A 508 -15.59 6.67 38.24
C LEU A 508 -15.75 6.55 36.72
N PRO A 509 -16.42 7.51 36.09
CA PRO A 509 -16.45 7.55 34.62
C PRO A 509 -15.06 7.72 34.05
N PRO A 510 -14.84 7.27 32.81
CA PRO A 510 -13.47 7.32 32.26
C PRO A 510 -12.92 8.73 32.15
N GLU A 511 -13.78 9.76 32.08
CA GLU A 511 -13.38 11.15 31.89
C GLU A 511 -12.68 11.37 30.56
N LYS A 512 -12.61 10.31 29.74
CA LYS A 512 -12.08 10.39 28.39
C LYS A 512 -13.02 9.60 27.50
N GLU A 513 -13.56 10.24 26.47
CA GLU A 513 -14.57 9.61 25.62
C GLU A 513 -13.99 8.40 24.91
N GLY A 514 -14.74 7.30 24.94
CA GLY A 514 -14.31 6.06 24.30
C GLY A 514 -13.34 5.25 25.11
N ALA A 515 -13.75 4.83 26.31
CA ALA A 515 -12.91 3.99 27.16
C ALA A 515 -13.79 3.27 28.17
N LEU A 516 -13.24 2.19 28.73
CA LEU A 516 -13.95 1.42 29.74
C LEU A 516 -13.96 2.18 31.07
N PRO A 517 -14.89 1.85 31.96
CA PRO A 517 -14.90 2.49 33.28
C PRO A 517 -13.60 2.24 34.04
N ARG A 518 -13.17 3.25 34.78
CA ARG A 518 -11.89 3.24 35.48
C ARG A 518 -12.10 3.07 36.97
N GLN A 519 -11.23 2.29 37.60
CA GLN A 519 -11.24 2.09 39.05
C GLN A 519 -9.92 2.55 39.63
N VAL A 520 -9.97 3.13 40.83
CA VAL A 520 -8.80 3.67 41.50
C VAL A 520 -8.48 2.95 42.80
N GLY A 521 -9.29 1.97 43.20
CA GLY A 521 -9.08 1.23 44.42
C GLY A 521 -8.61 -0.20 44.15
N ASN A 522 -8.78 -1.05 45.15
CA ASN A 522 -8.39 -2.44 45.01
C ASN A 522 -9.23 -3.14 43.95
N LYS A 523 -8.56 -3.76 42.99
CA LYS A 523 -9.24 -4.28 41.81
C LYS A 523 -10.21 -5.41 42.16
N THR A 524 -9.83 -6.28 43.10
CA THR A 524 -10.70 -7.39 43.45
C THR A 524 -11.93 -6.92 44.22
N GLU A 525 -11.80 -5.84 44.99
CA GLU A 525 -12.94 -5.37 45.76
C GLU A 525 -13.97 -4.71 44.85
N CYS A 526 -13.52 -3.96 43.83
CA CYS A 526 -14.49 -3.31 42.96
C CYS A 526 -15.18 -4.28 42.01
N GLY A 527 -14.83 -5.56 42.04
CA GLY A 527 -15.64 -6.54 41.32
C GLY A 527 -17.03 -6.66 41.91
N LEU A 528 -17.12 -6.67 43.24
CA LEU A 528 -18.42 -6.66 43.90
C LEU A 528 -19.15 -5.35 43.64
N LEU A 529 -18.43 -4.22 43.66
CA LEU A 529 -19.07 -2.95 43.34
C LEU A 529 -19.55 -2.94 41.90
N GLY A 530 -18.78 -3.56 41.00
CA GLY A 530 -19.24 -3.69 39.62
C GLY A 530 -20.48 -4.56 39.50
N PHE A 531 -20.55 -5.62 40.29
CA PHE A 531 -21.75 -6.46 40.34
C PHE A 531 -22.95 -5.63 40.79
N VAL A 532 -22.76 -4.84 41.85
CA VAL A 532 -23.85 -4.01 42.34
C VAL A 532 -24.29 -3.00 41.29
N LEU A 533 -23.32 -2.34 40.64
CA LEU A 533 -23.64 -1.34 39.63
C LEU A 533 -24.37 -1.97 38.45
N ASP A 534 -23.93 -3.15 38.02
CA ASP A 534 -24.57 -3.86 36.93
C ASP A 534 -25.92 -4.46 37.33
N LEU A 535 -26.21 -4.55 38.62
CA LEU A 535 -27.56 -4.83 39.08
C LEU A 535 -28.45 -3.59 39.08
N ARG A 536 -27.94 -2.48 38.54
CA ARG A 536 -28.68 -1.22 38.42
C ARG A 536 -29.15 -0.70 39.78
N GLN A 537 -28.29 -0.83 40.79
CA GLN A 537 -28.52 -0.27 42.11
C GLN A 537 -27.34 0.62 42.48
N ASP A 538 -27.64 1.76 43.07
CA ASP A 538 -26.62 2.77 43.38
C ASP A 538 -26.12 2.58 44.81
N TYR A 539 -24.83 2.29 44.94
CA TYR A 539 -24.20 2.12 46.26
C TYR A 539 -23.84 3.44 46.91
N GLU A 540 -23.81 4.53 46.14
CA GLU A 540 -23.41 5.82 46.70
C GLU A 540 -24.31 6.32 47.83
N PRO A 541 -25.65 6.26 47.74
CA PRO A 541 -26.46 6.71 48.87
C PRO A 541 -26.19 5.96 50.16
N VAL A 542 -25.93 4.66 50.08
CA VAL A 542 -25.66 3.87 51.28
C VAL A 542 -24.33 4.29 51.90
N ARG A 543 -23.31 4.51 51.07
CA ARG A 543 -22.00 4.93 51.57
C ARG A 543 -22.07 6.33 52.18
N SER A 544 -22.82 7.23 51.55
CA SER A 544 -22.83 8.62 51.98
C SER A 544 -23.42 8.78 53.37
N GLN A 545 -24.49 8.03 53.68
CA GLN A 545 -25.17 8.20 54.95
C GLN A 545 -24.37 7.70 56.15
N MET A 546 -23.32 6.92 55.94
CA MET A 546 -22.50 6.40 57.03
C MET A 546 -21.05 6.84 56.87
N PRO A 547 -20.63 7.93 57.53
CA PRO A 547 -19.22 8.31 57.51
C PRO A 547 -18.40 7.41 58.43
N GLU A 548 -17.07 7.62 58.37
CA GLU A 548 -16.16 6.78 59.15
C GLU A 548 -16.34 6.96 60.65
N GLU A 549 -16.73 8.17 61.08
CA GLU A 549 -16.94 8.39 62.52
C GLU A 549 -18.08 7.52 63.04
N LYS A 550 -19.13 7.34 62.24
CA LYS A 550 -20.28 6.55 62.66
C LYS A 550 -20.04 5.05 62.58
N LEU A 551 -18.95 4.61 61.97
CA LEU A 551 -18.62 3.18 61.93
C LEU A 551 -18.18 2.74 63.32
N TYR A 552 -18.88 1.76 63.89
CA TYR A 552 -18.57 1.35 65.25
C TYR A 552 -17.28 0.54 65.30
N LYS A 553 -17.24 -0.60 64.64
CA LYS A 553 -16.01 -1.41 64.59
C LYS A 553 -15.75 -1.88 63.17
N VAL A 554 -14.49 -1.84 62.77
CA VAL A 554 -14.05 -2.25 61.43
C VAL A 554 -12.84 -3.16 61.63
N TYR A 555 -13.07 -4.47 61.57
CA TYR A 555 -11.97 -5.42 61.64
C TYR A 555 -11.35 -5.58 60.25
N THR A 556 -10.05 -5.37 60.16
CA THR A 556 -9.35 -5.27 58.89
C THR A 556 -8.75 -6.61 58.49
N PHE A 557 -8.76 -6.87 57.18
CA PHE A 557 -8.16 -8.08 56.64
C PHE A 557 -6.68 -8.13 56.99
N ASN A 558 -6.25 -9.25 57.56
CA ASN A 558 -4.86 -9.44 57.95
C ASN A 558 -4.51 -10.91 57.76
N SER A 559 -3.34 -11.31 58.28
CA SER A 559 -2.83 -12.65 58.02
C SER A 559 -3.69 -13.73 58.68
N VAL A 560 -4.07 -13.51 59.95
CA VAL A 560 -4.78 -14.55 60.70
C VAL A 560 -6.29 -14.42 60.54
N ARG A 561 -6.81 -13.20 60.51
CA ARG A 561 -8.25 -13.01 60.36
C ARG A 561 -8.74 -13.49 59.01
N LYS A 562 -8.15 -12.94 57.94
CA LYS A 562 -8.41 -13.32 56.55
C LYS A 562 -9.85 -13.04 56.11
N SER A 563 -10.67 -12.42 56.96
CA SER A 563 -12.06 -12.09 56.62
C SER A 563 -12.38 -10.75 57.28
N MET A 564 -12.22 -9.67 56.53
CA MET A 564 -12.47 -8.35 57.06
C MET A 564 -13.97 -8.14 57.25
N SER A 565 -14.33 -7.39 58.30
CA SER A 565 -15.72 -7.26 58.71
C SER A 565 -15.98 -5.83 59.19
N THR A 566 -17.26 -5.45 59.15
CA THR A 566 -17.68 -4.13 59.61
C THR A 566 -18.99 -4.28 60.38
N VAL A 567 -19.00 -3.80 61.63
CA VAL A 567 -20.18 -3.91 62.48
C VAL A 567 -20.56 -2.52 62.99
N ILE A 568 -21.85 -2.18 62.85
CA ILE A 568 -22.39 -0.87 63.20
C ILE A 568 -23.72 -1.07 63.92
N LYS A 569 -24.25 0.03 64.47
CA LYS A 569 -25.48 -0.03 65.25
C LYS A 569 -26.50 1.06 64.92
N MET A 570 -26.11 2.13 64.23
CA MET A 570 -26.95 3.32 64.10
C MET A 570 -28.37 3.07 63.58
N PRO A 571 -28.61 2.27 62.54
CA PRO A 571 -29.97 2.23 61.96
C PRO A 571 -31.07 1.84 62.92
N ASP A 572 -30.78 1.05 63.95
CA ASP A 572 -31.80 0.64 64.90
C ASP A 572 -31.16 0.50 66.28
N GLU A 573 -31.90 -0.11 67.21
CA GLU A 573 -31.33 -0.44 68.52
C GLU A 573 -30.49 -1.70 68.49
N SER A 574 -30.57 -2.49 67.42
CA SER A 574 -29.79 -3.71 67.29
C SER A 574 -28.49 -3.42 66.54
N PHE A 575 -27.68 -4.46 66.38
CA PHE A 575 -26.39 -4.36 65.69
C PHE A 575 -26.43 -5.13 64.38
N ARG A 576 -25.70 -4.62 63.40
CA ARG A 576 -25.56 -5.28 62.10
C ARG A 576 -24.09 -5.40 61.77
N MET A 577 -23.65 -6.63 61.47
CA MET A 577 -22.26 -6.90 61.09
C MET A 577 -22.24 -7.57 59.73
N TYR A 578 -21.36 -7.12 58.86
CA TYR A 578 -21.19 -7.68 57.53
C TYR A 578 -19.78 -8.19 57.36
N SER A 579 -19.64 -9.38 56.78
CA SER A 579 -18.33 -10.02 56.62
C SER A 579 -18.30 -10.74 55.28
N LYS A 580 -17.35 -10.37 54.43
CA LYS A 580 -17.15 -11.05 53.15
C LYS A 580 -15.73 -11.60 53.09
N GLY A 581 -15.56 -12.68 52.33
CA GLY A 581 -14.25 -13.29 52.25
C GLY A 581 -14.25 -14.55 51.41
N ALA A 582 -13.22 -15.36 51.61
CA ALA A 582 -13.05 -16.59 50.86
C ALA A 582 -14.23 -17.53 51.08
N SER A 583 -14.42 -18.46 50.14
CA SER A 583 -15.55 -19.37 50.18
C SER A 583 -15.55 -20.24 51.44
N GLU A 584 -14.55 -21.11 51.57
CA GLU A 584 -14.55 -22.04 52.69
C GLU A 584 -14.27 -21.34 54.01
N ILE A 585 -13.42 -20.31 53.99
CA ILE A 585 -13.00 -19.64 55.23
C ILE A 585 -14.21 -19.02 55.93
N VAL A 586 -15.07 -18.35 55.17
CA VAL A 586 -16.27 -17.77 55.76
C VAL A 586 -17.41 -18.77 55.86
N LEU A 587 -17.43 -19.78 54.98
CA LEU A 587 -18.48 -20.79 55.03
C LEU A 587 -18.40 -21.63 56.30
N LYS A 588 -17.19 -21.91 56.79
CA LYS A 588 -17.05 -22.64 58.04
C LYS A 588 -17.68 -21.91 59.21
N LYS A 589 -17.86 -20.60 59.12
CA LYS A 589 -18.44 -19.80 60.18
C LYS A 589 -19.88 -19.40 59.89
N CYS A 590 -20.55 -20.09 58.97
CA CYS A 590 -21.92 -19.78 58.59
C CYS A 590 -22.84 -20.83 59.22
N CYS A 591 -23.41 -20.50 60.38
CA CYS A 591 -24.30 -21.43 61.06
C CYS A 591 -25.62 -21.59 60.30
N LYS A 592 -26.12 -20.49 59.74
CA LYS A 592 -27.38 -20.51 58.99
C LYS A 592 -27.17 -19.81 57.65
N ILE A 593 -28.16 -19.96 56.77
CA ILE A 593 -28.11 -19.39 55.43
C ILE A 593 -29.44 -18.75 55.12
N LEU A 594 -29.39 -17.55 54.51
CA LEU A 594 -30.60 -16.88 54.03
C LEU A 594 -30.96 -17.51 52.70
N SER A 595 -31.82 -18.52 52.75
CA SER A 595 -32.15 -19.33 51.59
C SER A 595 -33.49 -18.90 50.99
N GLY A 596 -33.51 -18.72 49.68
CA GLY A 596 -34.74 -18.42 48.98
C GLY A 596 -35.22 -16.99 49.21
N ALA A 597 -36.38 -16.70 48.62
CA ALA A 597 -37.02 -15.40 48.77
C ALA A 597 -37.90 -15.31 49.99
N GLY A 598 -37.95 -16.36 50.82
CA GLY A 598 -38.83 -16.38 51.96
C GLY A 598 -38.14 -16.04 53.27
N GLU A 599 -37.86 -17.05 54.08
CA GLU A 599 -37.28 -16.88 55.40
C GLU A 599 -35.90 -17.52 55.46
N ALA A 600 -35.05 -16.98 56.33
CA ALA A 600 -33.68 -17.46 56.47
C ALA A 600 -33.70 -18.84 57.13
N ARG A 601 -33.28 -19.86 56.39
CA ARG A 601 -33.22 -21.21 56.91
C ARG A 601 -31.90 -21.41 57.66
N VAL A 602 -31.62 -22.65 58.06
CA VAL A 602 -30.39 -22.99 58.75
C VAL A 602 -29.46 -23.72 57.78
N PHE A 603 -28.17 -23.64 58.05
CA PHE A 603 -27.15 -24.27 57.23
C PHE A 603 -26.69 -25.55 57.92
N ARG A 604 -26.87 -26.68 57.25
CA ARG A 604 -26.54 -27.98 57.81
C ARG A 604 -25.28 -28.52 57.17
N PRO A 605 -24.19 -28.70 57.92
CA PRO A 605 -22.97 -29.26 57.31
C PRO A 605 -23.13 -30.68 56.81
N ARG A 606 -24.16 -31.41 57.23
CA ARG A 606 -24.30 -32.80 56.83
C ARG A 606 -24.96 -32.92 55.46
N ASP A 607 -26.07 -32.22 55.23
CA ASP A 607 -26.83 -32.35 54.01
C ASP A 607 -26.87 -31.08 53.18
N ARG A 608 -27.09 -29.91 53.80
CA ARG A 608 -27.14 -28.67 53.06
C ARG A 608 -25.77 -28.31 52.48
N ASP A 609 -24.69 -28.72 53.14
CA ASP A 609 -23.35 -28.39 52.67
C ASP A 609 -23.03 -29.10 51.35
N GLU A 610 -23.63 -30.26 51.10
CA GLU A 610 -23.33 -30.99 49.86
C GLU A 610 -23.76 -30.19 48.64
N MET A 611 -24.93 -29.56 48.69
CA MET A 611 -25.41 -28.79 47.55
C MET A 611 -24.53 -27.56 47.30
N VAL A 612 -24.15 -26.86 48.36
CA VAL A 612 -23.31 -25.68 48.15
C VAL A 612 -21.92 -26.08 47.67
N LYS A 613 -21.40 -27.23 48.12
CA LYS A 613 -20.13 -27.71 47.58
C LYS A 613 -20.27 -28.05 46.10
N LYS A 614 -21.37 -28.71 45.73
CA LYS A 614 -21.63 -29.04 44.33
C LYS A 614 -21.82 -27.79 43.48
N VAL A 615 -22.22 -26.67 44.09
CA VAL A 615 -22.35 -25.43 43.35
C VAL A 615 -20.99 -24.73 43.22
N ILE A 616 -20.19 -24.75 44.30
CA ILE A 616 -18.96 -23.97 44.32
C ILE A 616 -17.81 -24.67 43.59
N GLU A 617 -17.75 -26.01 43.64
CA GLU A 617 -16.64 -26.72 43.01
C GLU A 617 -16.54 -26.46 41.51
N PRO A 618 -17.62 -26.53 40.72
CA PRO A 618 -17.48 -26.19 39.29
C PRO A 618 -17.04 -24.76 39.04
N MET A 619 -17.37 -23.85 39.95
CA MET A 619 -16.90 -22.47 39.83
C MET A 619 -15.38 -22.43 39.79
N ALA A 620 -14.73 -22.94 40.84
CA ALA A 620 -13.28 -22.99 40.87
C ALA A 620 -12.72 -23.90 39.80
N CYS A 621 -13.51 -24.84 39.29
CA CYS A 621 -13.05 -25.69 38.19
C CYS A 621 -12.85 -24.87 36.92
N ASP A 622 -13.72 -23.90 36.67
CA ASP A 622 -13.65 -23.06 35.48
C ASP A 622 -12.68 -21.89 35.64
N GLY A 623 -11.79 -21.95 36.61
CA GLY A 623 -10.83 -20.88 36.84
C GLY A 623 -11.36 -19.71 37.64
N LEU A 624 -12.57 -19.81 38.18
CA LEU A 624 -13.16 -18.71 38.92
C LEU A 624 -12.66 -18.69 40.36
N ARG A 625 -12.78 -17.53 40.99
CA ARG A 625 -12.46 -17.35 42.40
C ARG A 625 -13.76 -17.05 43.15
N THR A 626 -14.01 -17.81 44.21
CA THR A 626 -15.29 -17.77 44.92
C THR A 626 -15.16 -16.91 46.16
N ILE A 627 -16.02 -15.90 46.28
CA ILE A 627 -16.08 -15.00 47.42
C ILE A 627 -17.51 -14.97 47.93
N CYS A 628 -17.69 -15.12 49.24
CA CYS A 628 -19.02 -15.19 49.84
C CYS A 628 -19.17 -14.12 50.92
N VAL A 629 -20.42 -13.69 51.10
CA VAL A 629 -20.79 -12.61 52.00
C VAL A 629 -21.81 -13.13 53.02
N ALA A 630 -21.69 -12.65 54.26
CA ALA A 630 -22.58 -13.07 55.32
C ALA A 630 -22.85 -11.89 56.25
N TYR A 631 -23.94 -12.00 57.01
CA TYR A 631 -24.35 -10.97 57.94
C TYR A 631 -24.70 -11.58 59.29
N ARG A 632 -24.51 -10.79 60.34
CA ARG A 632 -24.76 -11.19 61.71
C ARG A 632 -25.49 -10.07 62.46
N ASP A 633 -26.27 -10.46 63.46
CA ASP A 633 -26.98 -9.52 64.32
C ASP A 633 -26.62 -9.79 65.77
N PHE A 634 -26.44 -8.70 66.54
CA PHE A 634 -26.12 -8.80 67.95
C PHE A 634 -27.30 -8.33 68.80
N PRO A 635 -27.47 -8.89 69.99
CA PRO A 635 -28.60 -8.46 70.84
C PRO A 635 -28.47 -7.00 71.25
N SER A 636 -29.61 -6.33 71.35
CA SER A 636 -29.62 -4.93 71.77
C SER A 636 -29.21 -4.78 73.23
N SER A 637 -29.70 -5.65 74.10
CA SER A 637 -29.38 -5.61 75.52
C SER A 637 -29.08 -7.01 76.04
N PRO A 638 -27.89 -7.24 76.60
CA PRO A 638 -26.78 -6.30 76.77
C PRO A 638 -25.92 -6.19 75.52
N GLU A 639 -24.75 -5.57 75.62
CA GLU A 639 -23.85 -5.41 74.48
C GLU A 639 -22.64 -6.32 74.67
N PRO A 640 -22.44 -7.31 73.79
CA PRO A 640 -21.31 -8.23 73.97
C PRO A 640 -19.98 -7.53 73.75
N ASP A 641 -18.94 -8.13 74.34
CA ASP A 641 -17.58 -7.61 74.21
C ASP A 641 -17.11 -7.79 72.77
N TRP A 642 -16.95 -6.68 72.05
CA TRP A 642 -16.56 -6.75 70.65
C TRP A 642 -15.11 -7.16 70.46
N ASP A 643 -14.26 -6.98 71.47
CA ASP A 643 -12.89 -7.44 71.38
C ASP A 643 -12.82 -8.97 71.29
N ASN A 644 -13.80 -9.66 71.85
CA ASN A 644 -13.86 -11.12 71.79
C ASN A 644 -14.12 -11.54 70.34
N GLU A 645 -13.11 -12.08 69.68
CA GLU A 645 -13.21 -12.50 68.29
C GLU A 645 -13.76 -13.90 68.12
N ASN A 646 -14.04 -14.60 69.21
CA ASN A 646 -14.52 -15.98 69.11
C ASN A 646 -15.96 -16.02 68.61
N ASP A 647 -16.88 -15.40 69.35
CA ASP A 647 -18.29 -15.49 69.00
C ASP A 647 -18.65 -14.61 67.82
N ILE A 648 -18.03 -13.42 67.73
CA ILE A 648 -18.40 -12.49 66.67
C ILE A 648 -18.02 -13.03 65.30
N LEU A 649 -16.95 -13.82 65.21
CA LEU A 649 -16.54 -14.38 63.92
C LEU A 649 -17.52 -15.43 63.44
N ASN A 650 -18.04 -16.25 64.35
CA ASN A 650 -18.97 -17.32 63.99
C ASN A 650 -20.41 -16.81 64.02
N GLU A 651 -21.36 -17.73 63.84
CA GLU A 651 -22.79 -17.41 63.83
C GLU A 651 -23.12 -16.38 62.76
N LEU A 652 -22.83 -16.74 61.51
CA LEU A 652 -23.05 -15.88 60.36
C LEU A 652 -24.12 -16.47 59.46
N THR A 653 -24.89 -15.59 58.84
CA THR A 653 -25.92 -15.98 57.87
C THR A 653 -25.42 -15.61 56.48
N CYS A 654 -25.12 -16.62 55.66
CA CYS A 654 -24.62 -16.38 54.32
C CYS A 654 -25.75 -15.85 53.43
N ILE A 655 -25.47 -14.80 52.68
CA ILE A 655 -26.46 -14.16 51.83
C ILE A 655 -26.17 -14.35 50.35
N CYS A 656 -24.91 -14.17 49.93
CA CYS A 656 -24.57 -14.19 48.52
C CYS A 656 -23.22 -14.86 48.31
N VAL A 657 -23.12 -15.62 47.21
CA VAL A 657 -21.87 -16.21 46.76
C VAL A 657 -21.67 -15.83 45.30
N VAL A 658 -20.47 -15.33 44.98
CA VAL A 658 -20.22 -14.75 43.67
C VAL A 658 -19.00 -15.42 43.04
N GLY A 659 -18.88 -15.27 41.73
CA GLY A 659 -17.76 -15.79 40.98
C GLY A 659 -17.00 -14.69 40.27
N ILE A 660 -15.73 -14.49 40.64
CA ILE A 660 -14.92 -13.36 40.19
C ILE A 660 -13.88 -13.88 39.23
N GLU A 661 -13.73 -13.20 38.09
CA GLU A 661 -12.77 -13.61 37.07
C GLU A 661 -12.35 -12.40 36.25
N ASP A 662 -11.27 -12.57 35.50
CA ASP A 662 -10.84 -11.62 34.49
C ASP A 662 -11.38 -12.08 33.14
N PRO A 663 -12.54 -11.60 32.73
CA PRO A 663 -13.27 -12.25 31.64
C PRO A 663 -12.63 -12.02 30.27
N VAL A 664 -12.92 -12.94 29.36
CA VAL A 664 -12.50 -12.81 27.98
C VAL A 664 -13.33 -11.72 27.30
N ARG A 665 -12.73 -11.06 26.31
CA ARG A 665 -13.46 -10.09 25.53
C ARG A 665 -14.59 -10.77 24.76
N PRO A 666 -15.75 -10.14 24.62
CA PRO A 666 -16.89 -10.82 23.99
C PRO A 666 -16.65 -11.26 22.56
N GLU A 667 -15.90 -10.50 21.77
CA GLU A 667 -15.72 -10.78 20.35
C GLU A 667 -14.54 -11.70 20.06
N VAL A 668 -13.73 -12.02 21.05
CA VAL A 668 -12.51 -12.81 20.86
C VAL A 668 -12.80 -14.23 20.39
N PRO A 669 -13.75 -14.97 20.99
CA PRO A 669 -13.95 -16.37 20.55
C PRO A 669 -14.31 -16.49 19.07
N GLU A 670 -15.24 -15.69 18.58
CA GLU A 670 -15.64 -15.80 17.18
C GLU A 670 -14.55 -15.28 16.25
N ALA A 671 -13.80 -14.27 16.68
CA ALA A 671 -12.68 -13.80 15.86
C ALA A 671 -11.62 -14.89 15.72
N ILE A 672 -11.29 -15.59 16.81
CA ILE A 672 -10.35 -16.69 16.72
C ILE A 672 -10.91 -17.81 15.86
N ARG A 673 -12.22 -18.05 15.95
CA ARG A 673 -12.83 -19.09 15.13
C ARG A 673 -12.75 -18.75 13.65
N LYS A 674 -12.89 -17.47 13.31
CA LYS A 674 -12.82 -17.08 11.90
C LYS A 674 -11.38 -17.11 11.37
N CYS A 675 -10.41 -16.77 12.22
CA CYS A 675 -9.01 -16.80 11.77
C CYS A 675 -8.52 -18.23 11.58
N GLN A 676 -8.98 -19.16 12.42
CA GLN A 676 -8.53 -20.54 12.29
C GLN A 676 -9.07 -21.19 11.03
N ARG A 677 -10.23 -20.74 10.54
CA ARG A 677 -10.78 -21.26 9.30
C ARG A 677 -10.02 -20.76 8.08
N ALA A 678 -9.36 -19.61 8.19
CA ALA A 678 -8.60 -19.04 7.09
C ALA A 678 -7.20 -19.61 6.98
N GLY A 679 -6.86 -20.63 7.78
CA GLY A 679 -5.56 -21.26 7.71
C GLY A 679 -4.53 -20.72 8.68
N ILE A 680 -4.95 -19.96 9.69
CA ILE A 680 -4.04 -19.34 10.65
C ILE A 680 -4.06 -20.16 11.93
N THR A 681 -2.90 -20.25 12.59
CA THR A 681 -2.76 -20.93 13.86
C THR A 681 -2.51 -19.90 14.96
N VAL A 682 -3.31 -19.95 16.02
CA VAL A 682 -3.24 -18.98 17.10
C VAL A 682 -2.57 -19.61 18.30
N ARG A 683 -1.59 -18.91 18.86
CA ARG A 683 -0.88 -19.33 20.07
C ARG A 683 -0.92 -18.20 21.08
N MET A 684 -0.89 -18.56 22.36
CA MET A 684 -0.90 -17.59 23.45
C MET A 684 0.44 -17.60 24.16
N VAL A 685 1.02 -16.41 24.34
CA VAL A 685 2.24 -16.21 25.11
C VAL A 685 1.94 -15.17 26.17
N THR A 686 2.13 -15.54 27.43
CA THR A 686 1.74 -14.68 28.54
C THR A 686 2.76 -14.81 29.67
N GLY A 687 2.84 -13.77 30.49
CA GLY A 687 3.63 -13.77 31.70
C GLY A 687 2.89 -14.18 32.95
N ASP A 688 1.64 -14.62 32.81
CA ASP A 688 0.82 -15.01 33.94
C ASP A 688 1.08 -16.47 34.29
N ASN A 689 0.30 -17.02 35.22
CA ASN A 689 0.48 -18.40 35.66
C ASN A 689 0.09 -19.37 34.55
N ILE A 690 0.24 -20.66 34.84
CA ILE A 690 -0.12 -21.68 33.86
C ILE A 690 -1.59 -22.07 33.95
N ASN A 691 -2.17 -22.07 35.14
CA ASN A 691 -3.57 -22.48 35.29
C ASN A 691 -4.51 -21.45 34.66
N THR A 692 -4.29 -20.17 34.94
CA THR A 692 -5.10 -19.12 34.32
C THR A 692 -4.92 -19.10 32.82
N ALA A 693 -3.68 -19.28 32.35
CA ALA A 693 -3.43 -19.31 30.91
C ALA A 693 -4.18 -20.47 30.26
N ARG A 694 -4.15 -21.65 30.87
CA ARG A 694 -4.87 -22.79 30.30
C ARG A 694 -6.37 -22.56 30.31
N ALA A 695 -6.91 -21.98 31.39
CA ALA A 695 -8.34 -21.72 31.44
C ALA A 695 -8.78 -20.76 30.35
N ILE A 696 -8.07 -19.64 30.19
CA ILE A 696 -8.44 -18.68 29.16
C ILE A 696 -8.20 -19.25 27.78
N ALA A 697 -7.21 -20.13 27.61
CA ALA A 697 -7.00 -20.77 26.32
C ALA A 697 -8.14 -21.74 25.98
N ILE A 698 -8.72 -22.38 27.00
CA ILE A 698 -9.88 -23.24 26.76
C ILE A 698 -11.10 -22.39 26.41
N LYS A 699 -11.31 -21.28 27.13
CA LYS A 699 -12.46 -20.43 26.84
C LYS A 699 -12.35 -19.78 25.46
N CYS A 700 -11.15 -19.30 25.09
CA CYS A 700 -10.99 -18.62 23.82
C CYS A 700 -11.12 -19.57 22.64
N GLY A 701 -10.81 -20.85 22.84
CA GLY A 701 -10.81 -21.81 21.76
C GLY A 701 -9.46 -22.12 21.18
N ILE A 702 -8.38 -21.62 21.78
CA ILE A 702 -7.04 -21.90 21.27
C ILE A 702 -6.72 -23.38 21.38
N ILE A 703 -7.05 -24.00 22.51
CA ILE A 703 -6.83 -25.42 22.73
C ILE A 703 -8.15 -26.07 23.10
N HIS A 704 -8.25 -27.37 22.82
CA HIS A 704 -9.39 -28.18 23.20
C HIS A 704 -8.93 -29.32 24.12
N PRO A 705 -9.80 -29.79 25.01
CA PRO A 705 -9.40 -30.87 25.92
C PRO A 705 -8.99 -32.11 25.16
N GLY A 706 -7.96 -32.79 25.69
CA GLY A 706 -7.39 -33.96 25.04
C GLY A 706 -5.88 -33.97 25.09
N GLU A 707 -5.29 -32.79 25.30
CA GLU A 707 -3.84 -32.62 25.43
C GLU A 707 -3.09 -33.12 24.19
N ASP A 708 -3.69 -32.97 23.01
CA ASP A 708 -2.98 -33.27 21.78
C ASP A 708 -1.80 -32.33 21.60
N PHE A 709 -2.00 -31.05 21.90
CA PHE A 709 -0.95 -30.05 21.85
C PHE A 709 -0.14 -30.07 23.15
N LEU A 710 0.78 -29.11 23.28
CA LEU A 710 1.62 -29.04 24.46
C LEU A 710 1.70 -27.62 25.00
N CYS A 711 1.70 -27.51 26.33
CA CYS A 711 1.79 -26.25 27.05
C CYS A 711 2.99 -26.32 27.99
N LEU A 712 3.82 -25.28 27.96
CA LEU A 712 5.04 -25.24 28.75
C LEU A 712 5.08 -23.97 29.59
N GLU A 713 6.06 -23.91 30.48
CA GLU A 713 6.37 -22.71 31.23
C GLU A 713 7.64 -22.06 30.69
N GLY A 714 7.97 -20.89 31.24
CA GLY A 714 9.13 -20.16 30.75
C GLY A 714 10.44 -20.84 31.08
N LYS A 715 10.56 -21.40 32.28
CA LYS A 715 11.83 -21.99 32.70
C LYS A 715 12.13 -23.28 31.95
N GLU A 716 11.14 -24.18 31.86
CA GLU A 716 11.36 -25.45 31.18
C GLU A 716 11.41 -25.32 29.67
N PHE A 717 10.96 -24.19 29.11
CA PHE A 717 11.14 -23.93 27.69
C PHE A 717 12.57 -23.50 27.40
N ASN A 718 13.18 -22.73 28.30
CA ASN A 718 14.58 -22.35 28.13
C ASN A 718 15.51 -23.54 28.29
N ARG A 719 15.25 -24.39 29.28
CA ARG A 719 16.13 -25.53 29.53
C ARG A 719 16.11 -26.51 28.35
N ARG A 720 14.93 -26.78 27.81
CA ARG A 720 14.81 -27.73 26.71
C ARG A 720 15.31 -27.15 25.40
N ILE A 721 15.26 -25.82 25.24
CA ILE A 721 15.66 -25.20 23.98
C ILE A 721 17.16 -25.09 23.82
N ARG A 722 17.93 -25.33 24.89
CA ARG A 722 19.37 -25.15 24.88
C ARG A 722 20.07 -26.51 24.96
N ASN A 723 21.22 -26.61 24.29
CA ASN A 723 22.03 -27.80 24.35
C ASN A 723 22.93 -27.75 25.58
N GLU A 724 23.81 -28.76 25.70
CA GLU A 724 24.70 -28.83 26.86
C GLU A 724 25.70 -27.68 26.89
N LYS A 725 26.04 -27.14 25.72
CA LYS A 725 26.95 -25.99 25.67
C LYS A 725 26.29 -24.73 26.22
N GLY A 726 24.98 -24.60 26.06
CA GLY A 726 24.27 -23.42 26.51
C GLY A 726 24.08 -22.40 25.42
N GLU A 727 23.65 -22.85 24.25
CA GLU A 727 23.40 -21.99 23.11
C GLU A 727 22.05 -22.35 22.48
N ILE A 728 21.33 -21.33 22.03
CA ILE A 728 20.04 -21.54 21.38
C ILE A 728 20.29 -22.26 20.05
N GLU A 729 19.83 -23.49 19.95
CA GLU A 729 20.01 -24.30 18.74
C GLU A 729 18.70 -24.37 17.97
N GLN A 730 18.76 -24.02 16.68
CA GLN A 730 17.56 -24.04 15.86
C GLN A 730 16.98 -25.44 15.70
N GLU A 731 17.80 -26.48 15.87
CA GLU A 731 17.28 -27.84 15.76
C GLU A 731 16.41 -28.21 16.95
N ARG A 732 16.67 -27.63 18.12
CA ARG A 732 15.83 -27.90 19.28
C ARG A 732 14.49 -27.18 19.22
N ILE A 733 14.46 -25.98 18.65
CA ILE A 733 13.20 -25.24 18.57
C ILE A 733 12.22 -25.92 17.64
N ASP A 734 12.71 -26.57 16.59
CA ASP A 734 11.81 -27.21 15.62
C ASP A 734 11.03 -28.38 16.20
N LYS A 735 11.42 -28.89 17.37
CA LYS A 735 10.67 -29.94 18.02
C LYS A 735 9.52 -29.41 18.88
N ILE A 736 9.52 -28.12 19.20
CA ILE A 736 8.57 -27.55 20.14
C ILE A 736 7.49 -26.73 19.45
N TRP A 737 7.89 -25.74 18.64
CA TRP A 737 6.92 -24.79 18.13
C TRP A 737 5.82 -25.38 17.23
N PRO A 738 6.02 -26.47 16.49
CA PRO A 738 4.87 -27.03 15.74
C PRO A 738 3.69 -27.41 16.62
N LYS A 739 3.94 -27.96 17.81
CA LYS A 739 2.88 -28.45 18.68
C LYS A 739 2.63 -27.55 19.88
N LEU A 740 3.46 -26.53 20.11
CA LEU A 740 3.30 -25.67 21.28
C LEU A 740 2.10 -24.75 21.09
N ARG A 741 1.27 -24.64 22.12
CA ARG A 741 0.11 -23.76 22.07
C ARG A 741 0.08 -22.70 23.16
N VAL A 742 0.49 -23.04 24.37
CA VAL A 742 0.45 -22.11 25.50
C VAL A 742 1.85 -22.00 26.10
N LEU A 743 2.31 -20.77 26.31
CA LEU A 743 3.56 -20.50 26.99
C LEU A 743 3.29 -19.52 28.12
N ALA A 744 3.47 -19.97 29.35
CA ALA A 744 3.12 -19.18 30.53
C ALA A 744 4.36 -18.85 31.33
N ARG A 745 4.30 -17.72 32.04
CA ARG A 745 5.42 -17.21 32.84
C ARG A 745 6.68 -17.05 31.99
N SER A 746 6.54 -16.22 30.94
CA SER A 746 7.59 -16.03 29.96
C SER A 746 8.09 -14.59 30.01
N SER A 747 9.41 -14.44 30.06
CA SER A 747 10.04 -13.14 29.97
C SER A 747 9.90 -12.59 28.55
N PRO A 748 10.06 -11.27 28.36
CA PRO A 748 10.07 -10.74 26.99
C PRO A 748 11.10 -11.40 26.10
N THR A 749 12.25 -11.80 26.67
CA THR A 749 13.24 -12.55 25.90
C THR A 749 12.68 -13.88 25.42
N ASP A 750 11.84 -14.52 26.22
CA ASP A 750 11.24 -15.79 25.81
C ASP A 750 10.30 -15.59 24.62
N LYS A 751 9.48 -14.54 24.65
CA LYS A 751 8.61 -14.25 23.51
C LYS A 751 9.43 -13.93 22.27
N HIS A 752 10.49 -13.14 22.42
CA HIS A 752 11.35 -12.84 21.28
C HIS A 752 11.97 -14.10 20.72
N THR A 753 12.46 -14.99 21.59
CA THR A 753 13.06 -16.23 21.15
C THR A 753 12.06 -17.11 20.39
N LEU A 754 10.84 -17.22 20.93
CA LEU A 754 9.84 -18.06 20.26
C LEU A 754 9.47 -17.50 18.89
N VAL A 755 9.26 -16.18 18.80
CA VAL A 755 8.89 -15.59 17.52
C VAL A 755 10.02 -15.74 16.51
N LYS A 756 11.26 -15.50 16.95
CA LYS A 756 12.41 -15.66 16.07
C LYS A 756 12.56 -17.10 15.60
N GLY A 757 12.37 -18.07 16.50
CA GLY A 757 12.47 -19.46 16.11
C GLY A 757 11.40 -19.88 15.13
N ILE A 758 10.18 -19.38 15.31
CA ILE A 758 9.12 -19.69 14.35
C ILE A 758 9.44 -19.08 12.99
N ILE A 759 9.91 -17.83 12.97
CA ILE A 759 10.17 -17.18 11.69
C ILE A 759 11.32 -17.85 10.95
N ASP A 760 12.42 -18.14 11.65
CA ASP A 760 13.64 -18.59 11.00
C ASP A 760 13.64 -20.07 10.63
N SER A 761 12.73 -20.87 11.18
CA SER A 761 12.78 -22.30 10.96
C SER A 761 12.41 -22.65 9.52
N THR A 762 13.06 -23.70 9.00
CA THR A 762 12.77 -24.24 7.68
C THR A 762 12.24 -25.67 7.76
N HIS A 763 11.80 -26.11 8.95
CA HIS A 763 11.37 -27.49 9.13
C HIS A 763 10.05 -27.77 8.43
N THR A 764 9.18 -26.77 8.31
CA THR A 764 7.87 -26.97 7.73
C THR A 764 7.93 -26.92 6.21
N GLU A 765 6.83 -27.33 5.58
CA GLU A 765 6.75 -27.33 4.11
C GLU A 765 6.79 -25.91 3.55
N GLN A 766 6.07 -24.98 4.17
CA GLN A 766 5.98 -23.61 3.71
C GLN A 766 6.52 -22.68 4.79
N ARG A 767 7.29 -21.68 4.37
CA ARG A 767 7.87 -20.73 5.31
C ARG A 767 6.78 -19.89 5.96
N GLN A 768 7.01 -19.51 7.21
CA GLN A 768 5.99 -18.91 8.05
C GLN A 768 6.08 -17.40 8.06
N VAL A 769 4.90 -16.76 8.17
CA VAL A 769 4.78 -15.33 8.42
C VAL A 769 4.05 -15.17 9.74
N VAL A 770 4.64 -14.43 10.67
CA VAL A 770 4.16 -14.36 12.05
C VAL A 770 3.74 -12.94 12.37
N ALA A 771 2.55 -12.79 12.94
CA ALA A 771 2.05 -11.52 13.44
C ALA A 771 1.87 -11.63 14.95
N VAL A 772 2.10 -10.52 15.65
CA VAL A 772 2.07 -10.48 17.10
C VAL A 772 1.14 -9.37 17.55
N THR A 773 0.26 -9.67 18.49
CA THR A 773 -0.68 -8.70 19.06
C THR A 773 -0.33 -8.45 20.51
N GLY A 774 -0.43 -7.19 20.94
CA GLY A 774 -0.05 -6.88 22.30
C GLY A 774 -0.53 -5.54 22.79
N ASP A 775 -0.36 -5.33 24.09
CA ASP A 775 -0.71 -4.06 24.73
C ASP A 775 0.27 -3.61 25.81
N GLY A 776 1.29 -4.41 26.14
CA GLY A 776 2.15 -4.12 27.27
C GLY A 776 3.60 -3.92 26.85
N THR A 777 4.39 -3.41 27.79
CA THR A 777 5.80 -3.15 27.50
C THR A 777 6.58 -4.45 27.32
N ASN A 778 6.19 -5.52 28.01
CA ASN A 778 6.87 -6.80 27.84
C ASN A 778 6.65 -7.40 26.46
N ASP A 779 5.71 -6.87 25.68
CA ASP A 779 5.53 -7.26 24.29
C ASP A 779 6.33 -6.40 23.33
N GLY A 780 7.14 -5.47 23.83
CA GLY A 780 7.90 -4.57 23.00
C GLY A 780 8.84 -5.27 22.05
N PRO A 781 9.71 -6.14 22.57
CA PRO A 781 10.61 -6.89 21.67
C PRO A 781 9.89 -7.76 20.66
N ALA A 782 8.91 -8.56 21.11
CA ALA A 782 8.23 -9.48 20.21
C ALA A 782 7.45 -8.75 19.14
N LEU A 783 7.00 -7.52 19.41
CA LEU A 783 6.30 -6.74 18.41
C LEU A 783 7.25 -6.14 17.37
N LYS A 784 8.54 -6.11 17.66
CA LYS A 784 9.52 -5.59 16.72
C LYS A 784 10.07 -6.68 15.79
N LYS A 785 10.23 -7.90 16.31
CA LYS A 785 10.75 -8.99 15.50
C LYS A 785 9.72 -9.52 14.53
N ALA A 786 8.44 -9.39 14.85
CA ALA A 786 7.38 -9.97 14.03
C ALA A 786 7.23 -9.19 12.72
N ASP A 787 6.69 -9.89 11.71
CA ASP A 787 6.40 -9.24 10.44
C ASP A 787 5.32 -8.16 10.60
N VAL A 788 4.28 -8.44 11.37
CA VAL A 788 3.22 -7.48 11.65
C VAL A 788 3.05 -7.37 13.15
N GLY A 789 2.90 -6.14 13.63
CA GLY A 789 2.63 -5.91 15.03
C GLY A 789 1.36 -5.12 15.26
N PHE A 790 0.40 -5.71 15.95
CA PHE A 790 -0.84 -5.04 16.31
C PHE A 790 -0.76 -4.60 17.76
N ALA A 791 -1.09 -3.34 18.02
CA ALA A 791 -1.06 -2.79 19.37
C ALA A 791 -2.45 -2.28 19.74
N MET A 792 -2.91 -2.66 20.93
CA MET A 792 -4.16 -2.11 21.43
C MET A 792 -4.03 -0.61 21.65
N GLY A 793 -5.03 0.15 21.18
CA GLY A 793 -4.96 1.59 21.20
C GLY A 793 -5.27 2.23 22.53
N ILE A 794 -6.44 1.96 23.09
CA ILE A 794 -6.83 2.58 24.35
C ILE A 794 -6.07 1.99 25.53
N ALA A 795 -5.88 0.67 25.54
CA ALA A 795 -5.27 0.00 26.67
C ALA A 795 -3.75 -0.12 26.56
N GLY A 796 -3.20 -0.01 25.35
CA GLY A 796 -1.78 -0.22 25.18
C GLY A 796 -0.94 0.88 25.81
N THR A 797 0.31 0.52 26.13
CA THR A 797 1.26 1.46 26.67
C THR A 797 2.08 2.09 25.55
N ASP A 798 2.92 3.06 25.91
CA ASP A 798 3.68 3.80 24.91
C ASP A 798 4.71 2.92 24.23
N VAL A 799 5.35 2.03 24.98
CA VAL A 799 6.38 1.16 24.40
C VAL A 799 5.78 0.18 23.41
N ALA A 800 4.63 -0.41 23.75
CA ALA A 800 3.99 -1.36 22.85
C ALA A 800 3.39 -0.67 21.63
N LYS A 801 2.93 0.57 21.78
CA LYS A 801 2.36 1.30 20.65
C LYS A 801 3.43 1.81 19.69
N GLU A 802 4.63 2.08 20.20
CA GLU A 802 5.71 2.58 19.34
C GLU A 802 6.33 1.47 18.52
N ALA A 803 6.44 0.26 19.08
CA ALA A 803 7.10 -0.84 18.40
C ALA A 803 6.22 -1.54 17.37
N SER A 804 4.96 -1.15 17.27
CA SER A 804 3.99 -1.85 16.42
C SER A 804 3.81 -1.11 15.09
N ASP A 805 3.31 -1.85 14.11
CA ASP A 805 3.01 -1.31 12.79
C ASP A 805 1.56 -0.89 12.62
N ILE A 806 0.62 -1.65 13.19
CA ILE A 806 -0.80 -1.36 13.09
C ILE A 806 -1.36 -1.18 14.50
N ILE A 807 -2.17 -0.15 14.68
CA ILE A 807 -2.79 0.16 15.96
C ILE A 807 -4.30 -0.05 15.85
N LEU A 808 -4.86 -0.83 16.77
CA LEU A 808 -6.31 -1.01 16.84
C LEU A 808 -6.87 0.14 17.67
N THR A 809 -7.48 1.11 16.98
CA THR A 809 -7.87 2.35 17.65
C THR A 809 -9.03 2.17 18.61
N ASP A 810 -9.78 1.06 18.51
CA ASP A 810 -10.85 0.76 19.44
C ASP A 810 -10.63 -0.56 20.17
N ASP A 811 -9.39 -1.05 20.19
CA ASP A 811 -8.94 -2.31 20.78
C ASP A 811 -10.01 -3.41 20.65
N ASN A 812 -10.51 -3.59 19.43
CA ASN A 812 -11.50 -4.60 19.13
C ASN A 812 -10.81 -5.75 18.41
N PHE A 813 -10.94 -6.96 18.94
CA PHE A 813 -10.23 -8.09 18.36
C PHE A 813 -10.84 -8.54 17.04
N SER A 814 -12.07 -8.13 16.73
CA SER A 814 -12.69 -8.50 15.47
C SER A 814 -12.20 -7.63 14.32
N SER A 815 -11.42 -6.59 14.58
CA SER A 815 -10.82 -5.78 13.53
C SER A 815 -9.47 -6.33 13.08
N ILE A 816 -9.03 -7.44 13.65
CA ILE A 816 -7.89 -8.17 13.11
C ILE A 816 -8.34 -9.06 11.96
N VAL A 817 -9.57 -9.56 12.00
CA VAL A 817 -10.10 -10.36 10.91
C VAL A 817 -10.29 -9.51 9.66
N LYS A 818 -10.66 -8.24 9.83
CA LYS A 818 -10.77 -7.33 8.69
C LYS A 818 -9.41 -6.89 8.17
N ALA A 819 -8.35 -7.04 8.97
CA ALA A 819 -7.00 -6.83 8.45
C ALA A 819 -6.54 -7.98 7.59
N VAL A 820 -7.04 -9.19 7.85
CA VAL A 820 -6.74 -10.33 6.99
C VAL A 820 -7.43 -10.19 5.64
N MET A 821 -8.71 -9.81 5.65
CA MET A 821 -9.48 -9.72 4.41
C MET A 821 -9.14 -8.50 3.58
N TRP A 822 -8.64 -7.43 4.21
CA TRP A 822 -8.13 -6.31 3.43
C TRP A 822 -6.70 -6.54 2.94
N GLY A 823 -5.99 -7.50 3.53
CA GLY A 823 -4.67 -7.86 3.02
C GLY A 823 -4.70 -8.87 1.90
N ARG A 824 -5.78 -9.65 1.80
CA ARG A 824 -5.98 -10.54 0.67
C ARG A 824 -6.65 -9.85 -0.51
N ASN A 825 -7.35 -8.75 -0.25
CA ASN A 825 -7.88 -7.93 -1.34
C ASN A 825 -6.79 -7.08 -1.98
N VAL A 826 -5.80 -6.64 -1.19
CA VAL A 826 -4.68 -5.89 -1.74
C VAL A 826 -3.87 -6.76 -2.68
N TYR A 827 -3.62 -8.01 -2.28
CA TYR A 827 -2.81 -8.90 -3.10
C TYR A 827 -3.52 -9.26 -4.39
N ASP A 828 -4.86 -9.31 -4.38
CA ASP A 828 -5.60 -9.59 -5.60
C ASP A 828 -5.61 -8.41 -6.54
N SER A 829 -5.82 -7.20 -6.01
CA SER A 829 -5.88 -6.02 -6.88
C SER A 829 -4.52 -5.68 -7.49
N ILE A 830 -3.44 -6.23 -6.95
CA ILE A 830 -2.13 -6.06 -7.56
C ILE A 830 -1.87 -7.13 -8.63
N SER A 831 -2.40 -8.33 -8.45
CA SER A 831 -2.26 -9.37 -9.47
C SER A 831 -3.24 -9.19 -10.62
N LYS A 832 -4.28 -8.37 -10.46
CA LYS A 832 -5.12 -8.00 -11.59
C LYS A 832 -4.40 -7.01 -12.50
N PHE A 833 -3.64 -6.09 -11.91
CA PHE A 833 -2.90 -5.12 -12.71
C PHE A 833 -1.71 -5.75 -13.41
N LEU A 834 -1.10 -6.77 -12.82
CA LEU A 834 -0.02 -7.47 -13.51
C LEU A 834 -0.54 -8.18 -14.75
N GLN A 835 -1.75 -8.72 -14.67
CA GLN A 835 -2.35 -9.38 -15.83
C GLN A 835 -2.59 -8.42 -16.98
N PHE A 836 -3.06 -7.20 -16.65
CA PHE A 836 -3.38 -6.21 -17.67
C PHE A 836 -2.11 -5.54 -18.22
N GLN A 837 -1.14 -5.25 -17.36
CA GLN A 837 0.05 -4.52 -17.78
C GLN A 837 1.04 -5.40 -18.52
N LEU A 838 1.19 -6.66 -18.10
CA LEU A 838 2.19 -7.52 -18.72
C LEU A 838 1.77 -8.04 -20.09
N THR A 839 0.53 -7.82 -20.50
CA THR A 839 0.12 -8.12 -21.87
C THR A 839 0.29 -6.94 -22.80
N VAL A 840 0.39 -5.72 -22.26
CA VAL A 840 0.73 -4.56 -23.06
C VAL A 840 2.21 -4.60 -23.43
N ASN A 841 3.06 -5.00 -22.48
CA ASN A 841 4.50 -4.94 -22.70
C ASN A 841 4.97 -5.98 -23.70
N VAL A 842 4.40 -7.18 -23.66
CA VAL A 842 4.78 -8.21 -24.64
C VAL A 842 4.45 -7.75 -26.05
N VAL A 843 3.23 -7.27 -26.25
CA VAL A 843 2.81 -6.83 -27.59
C VAL A 843 3.65 -5.65 -28.04
N ALA A 844 3.86 -4.68 -27.15
CA ALA A 844 4.64 -3.51 -27.52
C ALA A 844 6.07 -3.87 -27.88
N VAL A 845 6.70 -4.75 -27.10
CA VAL A 845 8.10 -5.10 -27.36
C VAL A 845 8.22 -5.91 -28.65
N ILE A 846 7.25 -6.79 -28.93
CA ILE A 846 7.35 -7.56 -30.17
C ILE A 846 7.10 -6.66 -31.38
N VAL A 847 6.17 -5.72 -31.27
CA VAL A 847 5.94 -4.78 -32.37
C VAL A 847 7.19 -3.93 -32.60
N ALA A 848 7.82 -3.45 -31.53
CA ALA A 848 9.03 -2.64 -31.68
C ALA A 848 10.17 -3.45 -32.29
N PHE A 849 10.33 -4.70 -31.84
CA PHE A 849 11.37 -5.55 -32.41
C PHE A 849 11.15 -5.80 -33.90
N THR A 850 9.89 -6.06 -34.29
CA THR A 850 9.61 -6.30 -35.69
C THR A 850 9.79 -5.04 -36.52
N GLY A 851 9.41 -3.88 -35.99
CA GLY A 851 9.58 -2.64 -36.72
C GLY A 851 11.02 -2.17 -36.80
N ALA A 852 11.88 -2.59 -35.89
CA ALA A 852 13.29 -2.27 -35.97
C ALA A 852 14.07 -3.25 -36.83
N CYS A 853 13.73 -4.54 -36.76
CA CYS A 853 14.47 -5.56 -37.50
C CYS A 853 13.95 -5.70 -38.93
N ILE A 854 12.68 -6.09 -39.09
CA ILE A 854 12.17 -6.43 -40.40
C ILE A 854 11.83 -5.18 -41.21
N THR A 855 10.87 -4.40 -40.72
CA THR A 855 10.48 -3.16 -41.38
C THR A 855 11.42 -2.06 -40.89
N GLN A 856 11.10 -0.79 -41.18
CA GLN A 856 11.94 0.32 -40.75
C GLN A 856 11.18 1.37 -39.94
N ASP A 857 9.88 1.20 -39.74
CA ASP A 857 9.12 2.13 -38.91
C ASP A 857 8.00 1.37 -38.21
N SER A 858 7.60 1.87 -37.04
CA SER A 858 6.59 1.19 -36.25
C SER A 858 5.27 1.95 -36.29
N PRO A 859 4.14 1.25 -36.27
CA PRO A 859 2.84 1.94 -36.28
C PRO A 859 2.54 2.69 -35.00
N LEU A 860 3.27 2.42 -33.91
CA LEU A 860 3.02 3.03 -32.60
C LEU A 860 4.16 3.98 -32.30
N LYS A 861 3.85 5.28 -32.25
CA LYS A 861 4.85 6.32 -32.08
C LYS A 861 5.25 6.45 -30.61
N ALA A 862 5.95 7.53 -30.27
CA ALA A 862 6.47 7.70 -28.92
C ALA A 862 5.43 8.33 -28.00
N VAL A 863 4.84 9.45 -28.41
CA VAL A 863 3.86 10.14 -27.59
C VAL A 863 2.62 9.27 -27.40
N GLN A 864 2.25 8.48 -28.41
CA GLN A 864 1.11 7.58 -28.29
C GLN A 864 1.35 6.56 -27.18
N MET A 865 2.53 5.94 -27.15
CA MET A 865 2.82 4.98 -26.09
C MET A 865 3.02 5.67 -24.75
N LEU A 866 3.44 6.94 -24.75
CA LEU A 866 3.45 7.69 -23.49
C LEU A 866 2.03 7.81 -22.94
N TRP A 867 1.07 8.14 -23.80
CA TRP A 867 -0.32 8.20 -23.36
C TRP A 867 -0.84 6.84 -22.90
N VAL A 868 -0.46 5.77 -23.61
CA VAL A 868 -0.98 4.45 -23.26
C VAL A 868 -0.40 3.96 -21.94
N ASN A 869 0.90 4.11 -21.73
CA ASN A 869 1.55 3.53 -20.56
C ASN A 869 1.49 4.42 -19.33
N LEU A 870 1.67 5.73 -19.48
CA LEU A 870 1.76 6.61 -18.33
C LEU A 870 0.39 6.99 -17.79
N ILE A 871 -0.44 7.62 -18.63
CA ILE A 871 -1.69 8.21 -18.14
C ILE A 871 -2.79 7.15 -18.08
N MET A 872 -2.96 6.39 -19.16
CA MET A 872 -4.12 5.51 -19.24
C MET A 872 -3.98 4.30 -18.33
N ASP A 873 -2.77 3.74 -18.21
CA ASP A 873 -2.59 2.55 -17.39
C ASP A 873 -2.61 2.89 -15.89
N THR A 874 -2.19 4.09 -15.51
CA THR A 874 -2.32 4.50 -14.12
C THR A 874 -3.79 4.58 -13.70
N PHE A 875 -4.63 5.17 -14.54
CA PHE A 875 -6.05 5.18 -14.25
C PHE A 875 -6.65 3.78 -14.34
N ALA A 876 -6.08 2.92 -15.17
CA ALA A 876 -6.56 1.53 -15.23
C ALA A 876 -6.26 0.80 -13.92
N SER A 877 -5.10 1.07 -13.32
CA SER A 877 -4.79 0.46 -12.03
C SER A 877 -5.61 1.06 -10.91
N LEU A 878 -5.94 2.35 -11.00
CA LEU A 878 -6.83 2.95 -10.01
C LEU A 878 -8.22 2.32 -10.06
N ALA A 879 -8.66 1.87 -11.25
CA ALA A 879 -9.98 1.29 -11.38
C ALA A 879 -10.05 -0.11 -10.78
N LEU A 880 -9.01 -0.91 -10.96
CA LEU A 880 -9.01 -2.28 -10.45
C LEU A 880 -8.74 -2.36 -8.96
N ALA A 881 -8.21 -1.28 -8.36
CA ALA A 881 -7.93 -1.30 -6.93
C ALA A 881 -9.19 -1.15 -6.10
N THR A 882 -10.20 -0.45 -6.60
CA THR A 882 -11.37 -0.07 -5.82
C THR A 882 -12.45 -1.13 -5.82
N GLU A 883 -12.13 -2.37 -6.14
CA GLU A 883 -13.13 -3.44 -6.07
C GLU A 883 -13.37 -3.81 -4.61
N PRO A 884 -14.60 -3.73 -4.12
CA PRO A 884 -14.85 -3.97 -2.69
C PRO A 884 -14.50 -5.39 -2.29
N PRO A 885 -13.98 -5.58 -1.09
CA PRO A 885 -13.69 -6.95 -0.61
C PRO A 885 -14.96 -7.67 -0.20
N THR A 886 -14.85 -8.99 -0.14
CA THR A 886 -15.96 -9.87 0.22
C THR A 886 -15.48 -10.90 1.22
N GLU A 887 -16.42 -11.41 2.02
CA GLU A 887 -16.08 -12.34 3.10
C GLU A 887 -15.81 -13.74 2.61
N THR A 888 -15.80 -13.99 1.30
CA THR A 888 -15.36 -15.27 0.77
C THR A 888 -13.86 -15.35 0.59
N LEU A 889 -13.15 -14.22 0.73
CA LEU A 889 -11.69 -14.26 0.73
C LEU A 889 -11.13 -15.05 1.89
N LEU A 890 -11.88 -15.18 2.98
CA LEU A 890 -11.40 -15.84 4.19
C LEU A 890 -11.59 -17.34 4.16
N LEU A 891 -11.73 -17.94 2.98
CA LEU A 891 -11.81 -19.38 2.84
C LEU A 891 -10.57 -20.00 2.24
N ARG A 892 -9.70 -19.20 1.62
CA ARG A 892 -8.46 -19.70 1.05
C ARG A 892 -7.40 -19.85 2.13
N LYS A 893 -6.33 -20.53 1.79
CA LYS A 893 -5.18 -20.71 2.65
C LYS A 893 -4.12 -19.66 2.35
N PRO A 894 -3.26 -19.33 3.32
CA PRO A 894 -2.18 -18.38 3.06
C PRO A 894 -1.21 -18.92 2.01
N TYR A 895 -0.64 -17.99 1.24
CA TYR A 895 0.15 -18.38 0.08
C TYR A 895 1.58 -18.76 0.47
N GLY A 896 2.31 -17.83 1.08
CA GLY A 896 3.67 -18.09 1.50
C GLY A 896 4.61 -16.98 1.09
N ARG A 897 5.84 -17.08 1.61
CA ARG A 897 6.85 -16.05 1.33
C ARG A 897 7.42 -16.19 -0.07
N ASN A 898 7.62 -17.42 -0.55
CA ASN A 898 8.36 -17.66 -1.78
C ASN A 898 7.45 -18.09 -2.93
N LYS A 899 6.17 -17.82 -2.85
CA LYS A 899 5.30 -18.13 -3.99
C LYS A 899 5.40 -17.02 -5.02
N PRO A 900 5.66 -17.34 -6.29
CA PRO A 900 5.78 -16.30 -7.31
C PRO A 900 4.49 -15.52 -7.50
N LEU A 901 4.64 -14.25 -7.87
CA LEU A 901 3.47 -13.39 -8.07
C LEU A 901 2.63 -13.84 -9.27
N ILE A 902 3.29 -14.24 -10.35
CA ILE A 902 2.61 -14.59 -11.60
C ILE A 902 2.23 -16.06 -11.53
N SER A 903 0.96 -16.33 -11.25
CA SER A 903 0.47 -17.70 -11.18
C SER A 903 0.29 -18.27 -12.57
N ARG A 904 -0.23 -19.50 -12.65
CA ARG A 904 -0.35 -20.18 -13.93
C ARG A 904 -1.52 -19.66 -14.75
N THR A 905 -2.65 -19.35 -14.09
CA THR A 905 -3.79 -18.79 -14.80
C THR A 905 -3.46 -17.41 -15.37
N MET A 906 -2.71 -16.61 -14.62
CA MET A 906 -2.29 -15.31 -15.14
C MET A 906 -1.40 -15.46 -16.36
N MET A 907 -0.50 -16.44 -16.34
CA MET A 907 0.33 -16.69 -17.52
C MET A 907 -0.53 -17.10 -18.71
N LYS A 908 -1.51 -17.97 -18.49
CA LYS A 908 -2.40 -18.38 -19.58
C LYS A 908 -3.14 -17.18 -20.16
N ASN A 909 -3.67 -16.31 -19.30
CA ASN A 909 -4.39 -15.14 -19.78
C ASN A 909 -3.46 -14.22 -20.58
N ILE A 910 -2.26 -13.95 -20.07
CA ILE A 910 -1.35 -13.03 -20.73
C ILE A 910 -0.97 -13.56 -22.12
N LEU A 911 -0.58 -14.83 -22.19
CA LEU A 911 -0.19 -15.39 -23.49
C LEU A 911 -1.38 -15.45 -24.45
N GLY A 912 -2.55 -15.87 -23.96
CA GLY A 912 -3.70 -15.98 -24.83
C GLY A 912 -4.14 -14.66 -25.42
N HIS A 913 -4.12 -13.60 -24.61
CA HIS A 913 -4.51 -12.30 -25.15
C HIS A 913 -3.43 -11.69 -26.02
N ALA A 914 -2.16 -11.92 -25.71
CA ALA A 914 -1.10 -11.42 -26.56
C ALA A 914 -1.15 -12.05 -27.95
N VAL A 915 -1.51 -13.34 -28.03
CA VAL A 915 -1.60 -13.98 -29.34
C VAL A 915 -2.64 -13.28 -30.21
N TYR A 916 -3.84 -13.05 -29.68
CA TYR A 916 -4.89 -12.38 -30.43
C TYR A 916 -4.49 -10.98 -30.83
N GLN A 917 -3.94 -10.21 -29.89
CA GLN A 917 -3.57 -8.83 -30.20
C GLN A 917 -2.50 -8.77 -31.28
N LEU A 918 -1.49 -9.64 -31.20
CA LEU A 918 -0.43 -9.63 -32.19
C LEU A 918 -0.95 -10.04 -33.56
N THR A 919 -1.80 -11.06 -33.62
CA THR A 919 -2.36 -11.48 -34.90
C THR A 919 -3.13 -10.34 -35.55
N LEU A 920 -4.00 -9.68 -34.78
CA LEU A 920 -4.79 -8.58 -35.33
C LEU A 920 -3.92 -7.42 -35.78
N ILE A 921 -2.90 -7.07 -34.98
CA ILE A 921 -2.05 -5.95 -35.33
C ILE A 921 -1.26 -6.24 -36.61
N PHE A 922 -0.69 -7.43 -36.73
CA PHE A 922 0.07 -7.75 -37.94
C PHE A 922 -0.83 -7.82 -39.16
N THR A 923 -2.04 -8.38 -39.02
CA THR A 923 -2.96 -8.42 -40.15
C THR A 923 -3.35 -7.02 -40.59
N LEU A 924 -3.58 -6.11 -39.65
CA LEU A 924 -3.89 -4.74 -40.02
C LEU A 924 -2.68 -4.03 -40.62
N LEU A 925 -1.48 -4.39 -40.19
CA LEU A 925 -0.28 -3.70 -40.69
C LEU A 925 0.04 -4.10 -42.12
N PHE A 926 -0.03 -5.39 -42.44
CA PHE A 926 0.49 -5.82 -43.73
C PHE A 926 -0.58 -5.87 -44.83
N VAL A 927 -1.82 -6.21 -44.50
CA VAL A 927 -2.88 -6.29 -45.49
C VAL A 927 -4.05 -5.36 -45.14
N GLY A 928 -3.80 -4.37 -44.29
CA GLY A 928 -4.89 -3.55 -43.77
C GLY A 928 -5.42 -2.52 -44.74
N GLU A 929 -4.59 -2.05 -45.68
CA GLU A 929 -5.03 -1.03 -46.62
C GLU A 929 -5.90 -1.59 -47.73
N LYS A 930 -5.83 -2.88 -48.01
CA LYS A 930 -6.74 -3.49 -48.97
C LYS A 930 -8.12 -3.73 -48.36
N MET A 931 -8.17 -4.05 -47.07
CA MET A 931 -9.44 -4.28 -46.40
C MET A 931 -10.22 -2.98 -46.23
N PHE A 932 -9.55 -1.94 -45.75
CA PHE A 932 -10.21 -0.66 -45.46
C PHE A 932 -10.30 0.26 -46.66
N GLN A 933 -9.66 -0.10 -47.78
CA GLN A 933 -9.68 0.69 -49.01
C GLN A 933 -9.17 2.11 -48.76
N ILE A 934 -7.90 2.19 -48.36
CA ILE A 934 -7.22 3.46 -48.11
C ILE A 934 -5.81 3.37 -48.70
N ASP A 935 -5.09 4.47 -48.60
CA ASP A 935 -3.70 4.52 -49.03
C ASP A 935 -2.81 3.84 -47.99
N SER A 936 -1.93 2.96 -48.44
CA SER A 936 -1.00 2.31 -47.53
C SER A 936 0.01 3.32 -47.02
N GLY A 937 0.18 3.37 -45.71
CA GLY A 937 1.09 4.32 -45.10
C GLY A 937 2.30 3.65 -44.52
N ARG A 938 2.69 2.50 -45.09
CA ARG A 938 3.76 1.70 -44.50
C ARG A 938 5.10 2.44 -44.55
N ASN A 939 5.44 2.99 -45.71
CA ASN A 939 6.69 3.72 -45.88
C ASN A 939 6.40 5.19 -46.13
N ALA A 940 7.01 6.05 -45.33
CA ALA A 940 6.79 7.49 -45.40
C ALA A 940 8.12 8.22 -45.45
N PRO A 941 8.17 9.38 -46.11
CA PRO A 941 9.43 10.12 -46.22
C PRO A 941 9.78 10.96 -45.00
N LEU A 942 9.12 10.74 -43.85
CA LEU A 942 9.37 11.47 -42.61
C LEU A 942 9.03 12.95 -42.75
N HIS A 943 8.49 13.33 -43.89
CA HIS A 943 8.02 14.70 -44.15
C HIS A 943 6.60 14.67 -44.70
N SER A 944 5.79 13.75 -44.20
CA SER A 944 4.43 13.55 -44.66
C SER A 944 3.47 13.62 -43.47
N PRO A 945 2.24 14.08 -43.69
CA PRO A 945 1.26 14.14 -42.61
C PRO A 945 0.88 12.74 -42.15
N PRO A 946 0.29 12.63 -40.95
CA PRO A 946 -0.09 11.30 -40.46
C PRO A 946 -1.08 10.61 -41.38
N SER A 947 -0.97 9.30 -41.46
CA SER A 947 -1.76 8.48 -42.37
C SER A 947 -2.95 7.87 -41.65
N GLU A 948 -4.01 7.60 -42.42
CA GLU A 948 -5.16 6.89 -41.88
C GLU A 948 -4.91 5.40 -41.70
N HIS A 949 -3.90 4.86 -42.38
CA HIS A 949 -3.59 3.44 -42.22
C HIS A 949 -3.04 3.16 -40.84
N TYR A 950 -2.26 4.08 -40.28
CA TYR A 950 -1.59 3.86 -39.00
C TYR A 950 -2.43 4.32 -37.81
N THR A 951 -3.25 5.36 -38.00
CA THR A 951 -4.17 5.77 -36.94
C THR A 951 -5.17 4.68 -36.62
N ILE A 952 -5.57 3.90 -37.62
CA ILE A 952 -6.46 2.76 -37.38
C ILE A 952 -5.78 1.75 -36.47
N ILE A 953 -4.50 1.47 -36.70
CA ILE A 953 -3.77 0.53 -35.85
C ILE A 953 -3.66 1.05 -34.43
N PHE A 954 -3.33 2.33 -34.26
CA PHE A 954 -3.26 2.91 -32.93
C PHE A 954 -4.60 2.82 -32.21
N ASN A 955 -5.68 3.19 -32.90
CA ASN A 955 -7.01 3.18 -32.30
C ASN A 955 -7.43 1.77 -31.92
N THR A 956 -7.15 0.79 -32.79
CA THR A 956 -7.49 -0.59 -32.47
C THR A 956 -6.71 -1.08 -31.26
N PHE A 957 -5.42 -0.74 -31.18
CA PHE A 957 -4.61 -1.14 -30.03
C PHE A 957 -5.20 -0.59 -28.73
N VAL A 958 -5.57 0.69 -28.74
CA VAL A 958 -6.14 1.29 -27.52
C VAL A 958 -7.48 0.66 -27.19
N MET A 959 -8.30 0.33 -28.21
CA MET A 959 -9.59 -0.29 -27.94
C MET A 959 -9.44 -1.67 -27.33
N MET A 960 -8.49 -2.47 -27.83
CA MET A 960 -8.27 -3.78 -27.22
C MET A 960 -7.76 -3.66 -25.79
N GLN A 961 -6.90 -2.69 -25.50
CA GLN A 961 -6.51 -2.48 -24.11
C GLN A 961 -7.71 -2.10 -23.25
N LEU A 962 -8.58 -1.23 -23.77
CA LEU A 962 -9.76 -0.81 -23.02
C LEU A 962 -10.68 -1.99 -22.71
N PHE A 963 -10.88 -2.88 -23.68
CA PHE A 963 -11.74 -4.03 -23.44
C PHE A 963 -11.04 -5.15 -22.70
N ASN A 964 -9.72 -5.11 -22.58
CA ASN A 964 -8.99 -6.05 -21.71
C ASN A 964 -8.98 -5.59 -20.25
N GLU A 965 -9.21 -4.30 -20.00
CA GLU A 965 -9.41 -3.87 -18.62
C GLU A 965 -10.60 -4.55 -17.97
N ILE A 966 -11.54 -5.09 -18.76
CA ILE A 966 -12.67 -5.83 -18.20
C ILE A 966 -12.29 -7.28 -17.94
N ASN A 967 -11.56 -7.91 -18.87
CA ASN A 967 -11.11 -9.28 -18.66
C ASN A 967 -10.09 -9.38 -17.53
N ALA A 968 -9.43 -8.28 -17.18
CA ALA A 968 -8.43 -8.30 -16.11
C ALA A 968 -9.05 -8.25 -14.72
N ARG A 969 -10.37 -8.42 -14.58
CA ARG A 969 -11.00 -8.40 -13.27
C ARG A 969 -11.10 -9.78 -12.64
N LYS A 970 -10.86 -10.86 -13.39
CA LYS A 970 -10.98 -12.22 -12.89
C LYS A 970 -9.63 -12.91 -13.05
N ILE A 971 -8.88 -13.04 -11.94
CA ILE A 971 -7.56 -13.67 -12.00
C ILE A 971 -7.62 -15.17 -11.82
N HIS A 972 -8.78 -15.73 -11.48
CA HIS A 972 -9.02 -17.15 -11.52
C HIS A 972 -9.74 -17.50 -12.82
N GLY A 973 -10.25 -18.73 -12.93
CA GLY A 973 -10.90 -19.14 -14.16
C GLY A 973 -12.36 -18.81 -14.25
N GLU A 974 -12.77 -17.64 -13.78
CA GLU A 974 -14.18 -17.27 -13.78
C GLU A 974 -14.63 -16.90 -15.20
N ARG A 975 -15.78 -17.47 -15.60
CA ARG A 975 -16.32 -17.23 -16.93
C ARG A 975 -16.98 -15.86 -17.05
N ASN A 976 -17.68 -15.43 -16.01
CA ASN A 976 -18.49 -14.21 -16.06
C ASN A 976 -17.64 -13.03 -15.59
N VAL A 977 -17.11 -12.27 -16.55
CA VAL A 977 -16.27 -11.12 -16.22
C VAL A 977 -17.07 -9.87 -15.87
N PHE A 978 -18.39 -9.92 -16.00
CA PHE A 978 -19.26 -8.79 -15.68
C PHE A 978 -19.87 -8.90 -14.29
N ASP A 979 -19.47 -9.89 -13.51
CA ASP A 979 -20.06 -10.10 -12.18
C ASP A 979 -19.61 -8.99 -11.25
N GLY A 980 -20.57 -8.30 -10.64
CA GLY A 980 -20.24 -7.24 -9.71
C GLY A 980 -19.65 -5.99 -10.34
N ILE A 981 -19.90 -5.77 -11.63
CA ILE A 981 -19.33 -4.61 -12.30
C ILE A 981 -19.98 -3.32 -11.79
N PHE A 982 -21.28 -3.36 -11.50
CA PHE A 982 -22.01 -2.17 -11.11
C PHE A 982 -21.84 -1.81 -9.65
N ARG A 983 -21.29 -2.69 -8.83
CA ARG A 983 -20.93 -2.34 -7.46
C ARG A 983 -19.77 -1.36 -7.41
N ASN A 984 -19.06 -1.20 -8.53
CA ASN A 984 -17.91 -0.30 -8.61
C ASN A 984 -18.19 0.79 -9.64
N PRO A 985 -18.62 1.99 -9.21
CA PRO A 985 -18.85 3.08 -10.18
C PRO A 985 -17.58 3.77 -10.64
N ILE A 986 -16.49 3.69 -9.87
CA ILE A 986 -15.23 4.28 -10.31
C ILE A 986 -14.72 3.58 -11.57
N PHE A 987 -14.92 2.27 -11.65
CA PHE A 987 -14.50 1.53 -12.83
C PHE A 987 -15.20 2.06 -14.08
N CYS A 988 -16.53 2.16 -14.03
CA CYS A 988 -17.29 2.64 -15.19
C CYS A 988 -16.93 4.08 -15.53
N THR A 989 -16.78 4.93 -14.51
CA THR A 989 -16.41 6.32 -14.77
C THR A 989 -15.07 6.40 -15.47
N ILE A 990 -14.08 5.63 -15.01
CA ILE A 990 -12.75 5.69 -15.59
C ILE A 990 -12.77 5.16 -17.02
N VAL A 991 -13.49 4.06 -17.27
CA VAL A 991 -13.52 3.49 -18.61
C VAL A 991 -14.17 4.47 -19.59
N LEU A 992 -15.31 5.05 -19.20
CA LEU A 992 -15.97 6.00 -20.09
C LEU A 992 -15.11 7.25 -20.33
N GLY A 993 -14.45 7.74 -19.28
CA GLY A 993 -13.57 8.89 -19.46
C GLY A 993 -12.41 8.59 -20.39
N THR A 994 -11.82 7.40 -20.26
CA THR A 994 -10.74 7.02 -21.17
C THR A 994 -11.22 6.93 -22.61
N PHE A 995 -12.40 6.35 -22.82
CA PHE A 995 -12.94 6.26 -24.18
C PHE A 995 -13.18 7.65 -24.77
N ALA A 996 -13.76 8.56 -23.99
CA ALA A 996 -14.01 9.91 -24.48
C ALA A 996 -12.71 10.63 -24.81
N ILE A 997 -11.71 10.51 -23.93
CA ILE A 997 -10.44 11.19 -24.18
C ILE A 997 -9.74 10.60 -25.39
N GLN A 998 -9.85 9.29 -25.62
CA GLN A 998 -9.29 8.70 -26.83
C GLN A 998 -9.98 9.23 -28.08
N ILE A 999 -11.32 9.40 -28.02
CA ILE A 999 -12.03 9.99 -29.16
C ILE A 999 -11.48 11.39 -29.44
N VAL A 1000 -11.32 12.19 -28.39
CA VAL A 1000 -10.81 13.56 -28.57
C VAL A 1000 -9.40 13.53 -29.15
N ILE A 1001 -8.55 12.65 -28.63
CA ILE A 1001 -7.16 12.59 -29.09
C ILE A 1001 -7.09 12.22 -30.57
N VAL A 1002 -7.88 11.22 -30.98
CA VAL A 1002 -7.81 10.81 -32.38
C VAL A 1002 -8.38 11.89 -33.30
N GLN A 1003 -9.50 12.50 -32.92
CA GLN A 1003 -10.14 13.45 -33.83
C GLN A 1003 -9.35 14.75 -33.92
N PHE A 1004 -8.94 15.33 -32.79
CA PHE A 1004 -8.30 16.63 -32.77
C PHE A 1004 -6.85 16.57 -32.33
N GLY A 1005 -6.19 15.43 -32.46
CA GLY A 1005 -4.79 15.35 -32.08
C GLY A 1005 -3.88 16.06 -33.07
N GLY A 1006 -3.98 15.71 -34.34
CA GLY A 1006 -3.17 16.34 -35.36
C GLY A 1006 -1.75 15.78 -35.40
N LYS A 1007 -0.87 16.58 -36.01
CA LYS A 1007 0.52 16.17 -36.13
C LYS A 1007 1.23 15.91 -34.80
N PRO A 1008 1.02 16.69 -33.73
CA PRO A 1008 1.69 16.37 -32.46
C PRO A 1008 1.46 14.95 -31.97
N PHE A 1009 0.24 14.43 -32.12
CA PHE A 1009 -0.06 13.07 -31.71
C PHE A 1009 0.08 12.07 -32.85
N SER A 1010 0.45 12.54 -34.05
CA SER A 1010 0.61 11.68 -35.22
C SER A 1010 -0.68 10.94 -35.57
N CYS A 1011 -1.81 11.63 -35.42
CA CYS A 1011 -3.12 11.05 -35.62
C CYS A 1011 -3.88 11.84 -36.68
N SER A 1012 -4.59 11.12 -37.56
CA SER A 1012 -5.43 11.68 -38.60
C SER A 1012 -6.89 11.41 -38.29
N PRO A 1013 -7.79 12.36 -38.59
CA PRO A 1013 -9.21 12.14 -38.31
C PRO A 1013 -9.76 10.95 -39.08
N LEU A 1014 -10.66 10.22 -38.43
CA LEU A 1014 -11.25 9.00 -38.97
C LEU A 1014 -12.72 9.21 -39.25
N GLN A 1015 -13.25 8.43 -40.18
CA GLN A 1015 -14.66 8.48 -40.51
C GLN A 1015 -15.47 7.69 -39.48
N LEU A 1016 -16.79 7.70 -39.64
CA LEU A 1016 -17.65 6.98 -38.70
C LEU A 1016 -17.59 5.48 -38.91
N ASP A 1017 -17.57 5.02 -40.17
CA ASP A 1017 -17.53 3.59 -40.42
C ASP A 1017 -16.17 3.00 -40.08
N GLN A 1018 -15.11 3.81 -40.12
CA GLN A 1018 -13.79 3.34 -39.77
C GLN A 1018 -13.58 3.25 -38.26
N TRP A 1019 -14.45 3.86 -37.47
CA TRP A 1019 -14.36 3.78 -36.02
C TRP A 1019 -15.17 2.63 -35.44
N MET A 1020 -16.27 2.25 -36.10
CA MET A 1020 -17.05 1.12 -35.61
C MET A 1020 -16.34 -0.21 -35.83
N TRP A 1021 -15.45 -0.28 -36.83
CA TRP A 1021 -14.61 -1.47 -36.98
C TRP A 1021 -13.58 -1.57 -35.87
N CYS A 1022 -13.05 -0.44 -35.39
CA CYS A 1022 -12.15 -0.48 -34.26
C CYS A 1022 -12.85 -1.00 -33.01
N ILE A 1023 -14.09 -0.56 -32.78
CA ILE A 1023 -14.86 -1.07 -31.65
C ILE A 1023 -15.22 -2.53 -31.84
N PHE A 1024 -15.49 -2.95 -33.08
CA PHE A 1024 -15.76 -4.36 -33.36
C PHE A 1024 -14.56 -5.23 -33.01
N ILE A 1025 -13.37 -4.82 -33.45
CA ILE A 1025 -12.17 -5.61 -33.17
C ILE A 1025 -11.84 -5.58 -31.69
N GLY A 1026 -12.06 -4.46 -31.02
CA GLY A 1026 -11.84 -4.39 -29.59
C GLY A 1026 -12.80 -5.26 -28.80
N LEU A 1027 -14.07 -5.28 -29.20
CA LEU A 1027 -15.07 -6.11 -28.55
C LEU A 1027 -14.83 -7.59 -28.80
N GLY A 1028 -14.17 -7.93 -29.91
CA GLY A 1028 -13.78 -9.32 -30.11
C GLY A 1028 -12.86 -9.86 -29.03
N GLU A 1029 -12.23 -8.97 -28.26
CA GLU A 1029 -11.38 -9.41 -27.16
C GLU A 1029 -12.20 -10.15 -26.10
N LEU A 1030 -13.40 -9.66 -25.80
CA LEU A 1030 -14.26 -10.33 -24.83
C LEU A 1030 -14.66 -11.72 -25.31
N VAL A 1031 -14.98 -11.84 -26.60
CA VAL A 1031 -15.35 -13.15 -27.14
C VAL A 1031 -14.16 -14.10 -27.17
N TRP A 1032 -12.95 -13.56 -27.36
CA TRP A 1032 -11.76 -14.39 -27.31
C TRP A 1032 -11.41 -14.79 -25.88
N GLY A 1033 -11.81 -13.97 -24.90
CA GLY A 1033 -11.58 -14.32 -23.51
C GLY A 1033 -12.27 -15.61 -23.11
N GLN A 1034 -13.48 -15.83 -23.62
CA GLN A 1034 -14.18 -17.09 -23.32
C GLN A 1034 -13.48 -18.28 -23.96
N VAL A 1035 -12.98 -18.12 -25.19
CA VAL A 1035 -12.24 -19.19 -25.83
C VAL A 1035 -10.98 -19.51 -25.04
N ILE A 1036 -10.30 -18.49 -24.52
CA ILE A 1036 -9.14 -18.72 -23.67
C ILE A 1036 -9.55 -19.43 -22.38
N ALA A 1037 -10.63 -18.99 -21.75
CA ALA A 1037 -11.07 -19.56 -20.49
C ALA A 1037 -11.54 -21.01 -20.64
N THR A 1038 -11.95 -21.42 -21.85
CA THR A 1038 -12.35 -22.81 -22.03
C THR A 1038 -11.19 -23.77 -21.83
N ILE A 1039 -9.99 -23.37 -22.24
CA ILE A 1039 -8.81 -24.23 -22.14
C ILE A 1039 -8.47 -24.47 -20.67
N PRO A 1040 -8.39 -25.72 -20.21
CA PRO A 1040 -8.07 -25.99 -18.81
C PRO A 1040 -6.57 -25.85 -18.58
N THR A 1041 -6.20 -25.01 -17.61
CA THR A 1041 -4.79 -24.75 -17.34
C THR A 1041 -4.12 -25.91 -16.61
N SER A 1042 -4.89 -26.84 -16.06
CA SER A 1042 -4.32 -27.98 -15.36
C SER A 1042 -3.80 -29.02 -16.34
N LYS B 147 18.55 53.82 -80.21
CA LYS B 147 18.24 52.59 -79.50
C LYS B 147 19.49 51.81 -79.17
N PRO B 148 19.72 51.55 -77.88
CA PRO B 148 20.89 50.75 -77.47
C PRO B 148 20.85 49.35 -78.06
N ARG B 149 22.03 48.83 -78.38
CA ARG B 149 22.16 47.50 -78.96
C ARG B 149 22.65 46.53 -77.90
N ILE B 150 21.94 45.42 -77.74
CA ILE B 150 22.29 44.37 -76.79
C ILE B 150 22.48 43.07 -77.55
N VAL B 151 23.63 42.43 -77.36
CA VAL B 151 23.93 41.13 -77.95
C VAL B 151 23.79 40.08 -76.87
N THR B 152 22.85 39.15 -77.05
CA THR B 152 22.52 38.17 -76.05
C THR B 152 23.00 36.78 -76.48
N SER B 153 23.21 35.93 -75.48
CA SER B 153 23.63 34.56 -75.73
C SER B 153 22.48 33.76 -76.34
N GLU B 154 22.84 32.61 -76.92
CA GLU B 154 21.85 31.76 -77.55
C GLU B 154 20.97 31.07 -76.50
N GLU B 155 19.79 30.63 -76.95
CA GLU B 155 18.89 29.92 -76.06
C GLU B 155 19.50 28.59 -75.63
N VAL B 156 19.22 28.19 -74.39
CA VAL B 156 19.79 26.98 -73.80
C VAL B 156 18.65 26.10 -73.33
N ILE B 157 18.72 24.81 -73.68
CA ILE B 157 17.72 23.83 -73.28
C ILE B 157 18.28 23.06 -72.09
N ILE B 158 17.58 23.09 -70.98
CA ILE B 158 18.04 22.44 -69.75
C ILE B 158 17.76 20.94 -69.86
N ARG B 159 18.82 20.15 -69.96
CA ARG B 159 18.72 18.70 -69.93
C ARG B 159 19.14 18.19 -68.56
N GLU B 160 19.28 16.87 -68.42
CA GLU B 160 19.68 16.28 -67.16
C GLU B 160 21.15 16.49 -66.83
N SER B 161 21.91 17.14 -67.72
CA SER B 161 23.31 17.41 -67.44
C SER B 161 23.46 18.37 -66.26
N LEU B 162 24.50 18.15 -65.47
CA LEU B 162 24.78 18.96 -64.30
C LEU B 162 25.72 20.12 -64.60
N LEU B 163 26.10 20.33 -65.86
CA LEU B 163 27.00 21.41 -66.21
C LEU B 163 26.33 22.76 -65.99
N PRO B 164 26.99 23.71 -65.35
CA PRO B 164 26.38 25.03 -65.14
C PRO B 164 26.13 25.74 -66.47
N VAL B 165 25.11 26.60 -66.48
CA VAL B 165 24.71 27.35 -67.66
C VAL B 165 24.88 28.83 -67.36
N THR B 166 25.51 29.55 -68.28
CA THR B 166 25.73 30.99 -68.16
C THR B 166 24.93 31.71 -69.23
N LEU B 167 24.27 32.79 -68.84
CA LEU B 167 23.52 33.66 -69.76
C LEU B 167 24.21 35.01 -69.86
N GLN B 168 24.36 35.51 -71.08
CA GLN B 168 25.17 36.70 -71.33
C GLN B 168 24.37 37.74 -72.11
N CYS B 169 24.54 39.00 -71.72
CA CYS B 169 24.12 40.14 -72.52
C CYS B 169 25.25 41.16 -72.57
N ASN B 170 25.51 41.70 -73.75
CA ASN B 170 26.57 42.67 -73.98
C ASN B 170 25.97 43.96 -74.51
N LEU B 171 26.15 45.05 -73.77
CA LEU B 171 25.68 46.37 -74.20
C LEU B 171 26.75 46.95 -75.12
N THR B 172 26.68 46.57 -76.39
CA THR B 172 27.72 46.93 -77.35
C THR B 172 27.66 48.40 -77.75
N SER B 173 26.47 49.00 -77.77
CA SER B 173 26.30 50.38 -78.23
C SER B 173 25.33 51.09 -77.31
N SER B 174 25.80 52.17 -76.67
CA SER B 174 24.96 52.98 -75.80
C SER B 174 25.63 54.33 -75.62
N SER B 175 24.94 55.40 -76.02
CA SER B 175 25.46 56.76 -75.87
C SER B 175 24.96 57.43 -74.60
N HIS B 176 24.20 56.73 -73.77
CA HIS B 176 23.63 57.29 -72.55
C HIS B 176 24.43 56.84 -71.34
N THR B 177 24.43 57.68 -70.30
CA THR B 177 25.10 57.35 -69.05
C THR B 177 24.30 56.27 -68.33
N LEU B 178 24.85 55.06 -68.30
CA LEU B 178 24.15 53.94 -67.68
C LEU B 178 24.10 54.11 -66.17
N MET B 179 22.97 53.73 -65.57
CA MET B 179 22.76 53.83 -64.13
C MET B 179 22.91 52.50 -63.41
N TYR B 180 22.21 51.46 -63.88
CA TYR B 180 22.28 50.13 -63.28
C TYR B 180 21.56 49.15 -64.20
N SER B 181 21.73 47.87 -63.90
CA SER B 181 21.13 46.80 -64.68
C SER B 181 20.85 45.61 -63.77
N TYR B 182 19.97 44.73 -64.23
CA TYR B 182 19.52 43.62 -63.41
C TYR B 182 18.90 42.54 -64.29
N TRP B 183 18.91 41.31 -63.78
CA TRP B 183 18.26 40.19 -64.43
C TRP B 183 16.83 40.05 -63.92
N THR B 184 15.93 39.62 -64.80
CA THR B 184 14.54 39.37 -64.44
C THR B 184 14.09 38.04 -65.03
N ARG B 185 13.28 37.31 -64.26
CA ARG B 185 12.69 36.06 -64.72
C ARG B 185 11.18 36.15 -64.52
N ASN B 186 10.43 35.99 -65.62
CA ASN B 186 8.97 36.03 -65.59
C ASN B 186 8.46 37.34 -64.96
N GLY B 187 9.16 38.44 -65.24
CA GLY B 187 8.78 39.73 -64.73
C GLY B 187 9.21 40.03 -63.31
N VAL B 188 9.95 39.13 -62.67
CA VAL B 188 10.38 39.29 -61.28
C VAL B 188 11.89 39.46 -61.27
N GLU B 189 12.36 40.54 -60.65
CA GLU B 189 13.79 40.81 -60.58
C GLU B 189 14.49 39.76 -59.72
N LEU B 190 15.57 39.20 -60.25
CA LEU B 190 16.39 38.28 -59.48
C LEU B 190 17.18 39.03 -58.41
N THR B 191 17.32 38.41 -57.25
CA THR B 191 17.99 39.06 -56.13
C THR B 191 19.48 39.19 -56.38
N ALA B 192 20.05 40.30 -55.92
CA ALA B 192 21.49 40.55 -55.96
C ALA B 192 22.04 40.49 -57.39
N THR B 193 21.34 41.16 -58.31
CA THR B 193 21.79 41.28 -59.69
C THR B 193 21.99 42.73 -60.12
N ARG B 194 22.00 43.67 -59.17
CA ARG B 194 22.11 45.09 -59.47
C ARG B 194 23.53 45.56 -59.17
N LYS B 195 24.27 45.91 -60.22
CA LYS B 195 25.62 46.44 -60.11
C LYS B 195 25.79 47.51 -61.18
N ASN B 196 27.04 47.91 -61.42
CA ASN B 196 27.33 48.70 -62.63
C ASN B 196 26.99 47.89 -63.87
N ALA B 197 27.74 46.82 -64.10
CA ALA B 197 27.42 45.78 -65.08
C ALA B 197 27.11 46.38 -66.47
N SER B 198 28.15 46.98 -67.06
CA SER B 198 28.07 47.30 -68.47
C SER B 198 27.97 46.03 -69.31
N ASN B 199 28.48 44.91 -68.79
CA ASN B 199 28.25 43.58 -69.32
C ASN B 199 27.98 42.67 -68.13
N MET B 200 26.78 42.10 -68.05
CA MET B 200 26.39 41.35 -66.86
C MET B 200 26.23 39.87 -67.17
N GLU B 201 26.53 39.04 -66.18
CA GLU B 201 26.46 37.59 -66.28
C GLU B 201 25.60 37.04 -65.16
N TYR B 202 24.86 35.97 -65.48
CA TYR B 202 24.09 35.25 -64.49
C TYR B 202 24.37 33.77 -64.69
N ARG B 203 24.74 33.08 -63.61
CA ARG B 203 25.18 31.69 -63.68
C ARG B 203 24.25 30.81 -62.87
N ILE B 204 23.84 29.68 -63.45
CA ILE B 204 23.01 28.69 -62.78
C ILE B 204 23.90 27.49 -62.47
N ASN B 205 24.17 27.25 -61.19
CA ASN B 205 25.10 26.19 -60.82
C ASN B 205 24.48 24.79 -60.95
N LYS B 206 23.19 24.64 -60.70
CA LYS B 206 22.47 23.38 -60.84
C LYS B 206 21.23 23.62 -61.68
N PRO B 207 21.39 23.67 -63.01
CA PRO B 207 20.23 23.90 -63.89
C PRO B 207 19.18 22.81 -63.74
N ARG B 208 17.95 23.22 -63.46
CA ARG B 208 16.82 22.31 -63.34
C ARG B 208 15.65 22.86 -64.14
N ALA B 209 14.58 22.05 -64.20
CA ALA B 209 13.38 22.47 -64.93
C ALA B 209 12.74 23.69 -64.30
N GLU B 210 12.88 23.86 -62.98
CA GLU B 210 12.28 25.01 -62.31
C GLU B 210 13.02 26.31 -62.62
N ASP B 211 14.28 26.23 -63.08
CA ASP B 211 15.02 27.42 -63.44
C ASP B 211 14.61 27.96 -64.80
N SER B 212 14.18 27.09 -65.71
CA SER B 212 13.87 27.53 -67.07
C SER B 212 12.70 28.51 -67.07
N GLY B 213 12.79 29.50 -67.97
CA GLY B 213 11.77 30.52 -68.07
C GLY B 213 12.19 31.59 -69.04
N GLU B 214 11.35 32.62 -69.13
CA GLU B 214 11.61 33.74 -70.03
C GLU B 214 12.43 34.79 -69.26
N TYR B 215 13.74 34.79 -69.51
CA TYR B 215 14.63 35.73 -68.84
C TYR B 215 14.78 37.01 -69.63
N HIS B 216 15.15 38.08 -68.92
CA HIS B 216 15.45 39.37 -69.51
C HIS B 216 16.60 40.00 -68.74
N CYS B 217 17.38 40.82 -69.43
CA CYS B 217 18.44 41.61 -68.80
C CYS B 217 18.14 43.08 -69.07
N VAL B 218 17.54 43.74 -68.07
CA VAL B 218 17.03 45.10 -68.20
C VAL B 218 18.16 46.09 -67.95
N TYR B 219 18.19 47.14 -68.77
CA TYR B 219 19.19 48.20 -68.68
C TYR B 219 18.47 49.51 -68.39
N HIS B 220 18.71 50.07 -67.20
CA HIS B 220 18.12 51.35 -66.82
C HIS B 220 19.17 52.45 -66.90
N PHE B 221 18.88 53.49 -67.65
CA PHE B 221 19.80 54.60 -67.86
C PHE B 221 19.34 55.83 -67.09
N VAL B 222 20.22 56.84 -67.04
CA VAL B 222 19.90 58.06 -66.32
C VAL B 222 18.75 58.80 -67.00
N SER B 223 18.84 58.96 -68.32
CA SER B 223 17.85 59.74 -69.06
C SER B 223 17.49 59.05 -70.38
N ALA B 224 17.40 57.73 -70.35
CA ALA B 224 17.04 56.96 -71.54
C ALA B 224 16.05 55.87 -71.17
N PRO B 225 15.18 55.48 -72.11
CA PRO B 225 14.26 54.37 -71.84
C PRO B 225 15.00 53.06 -71.63
N LYS B 226 14.41 52.19 -70.84
CA LYS B 226 15.03 50.90 -70.53
C LYS B 226 14.98 49.97 -71.74
N ALA B 227 16.04 49.17 -71.89
CA ALA B 227 16.12 48.12 -72.89
C ALA B 227 16.18 46.78 -72.19
N ASN B 228 15.28 45.87 -72.54
CA ASN B 228 15.08 44.63 -71.80
C ASN B 228 15.70 43.42 -72.47
N ALA B 229 15.44 43.22 -73.77
CA ALA B 229 15.87 42.04 -74.52
C ALA B 229 15.27 40.77 -73.92
N THR B 230 15.58 39.62 -74.52
CA THR B 230 14.99 38.37 -74.06
C THR B 230 15.94 37.22 -74.33
N ILE B 231 16.15 36.38 -73.32
CA ILE B 231 16.84 35.10 -73.45
C ILE B 231 15.92 34.03 -72.88
N GLU B 232 15.33 33.22 -73.75
CA GLU B 232 14.38 32.21 -73.32
C GLU B 232 15.10 30.91 -72.99
N VAL B 233 14.79 30.35 -71.83
CA VAL B 233 15.37 29.10 -71.36
C VAL B 233 14.24 28.07 -71.31
N LYS B 234 14.38 27.00 -72.06
CA LYS B 234 13.33 26.00 -72.23
C LYS B 234 13.74 24.67 -71.60
N ALA B 235 12.80 24.04 -70.91
CA ALA B 235 13.03 22.73 -70.32
C ALA B 235 11.72 21.94 -70.35
N ALA B 236 11.86 20.61 -70.26
CA ALA B 236 10.69 19.75 -70.22
C ALA B 236 9.91 19.98 -68.94
N PRO B 237 8.59 19.86 -68.98
CA PRO B 237 7.80 20.09 -67.77
C PRO B 237 8.07 19.02 -66.73
N ASP B 238 8.03 19.42 -65.47
CA ASP B 238 8.27 18.53 -64.33
C ASP B 238 7.17 18.79 -63.30
N ILE B 239 6.33 17.79 -63.06
CA ILE B 239 5.21 17.96 -62.15
C ILE B 239 5.73 18.00 -60.72
N THR B 240 5.50 19.13 -60.04
CA THR B 240 6.01 19.30 -58.68
C THR B 240 5.08 18.66 -57.66
N GLY B 241 3.82 19.06 -57.65
CA GLY B 241 2.88 18.57 -56.66
C GLY B 241 1.60 18.06 -57.29
N HIS B 242 0.98 17.11 -56.60
CA HIS B 242 -0.29 16.54 -57.04
C HIS B 242 -1.00 15.99 -55.80
N LYS B 243 -2.07 15.24 -56.03
CA LYS B 243 -2.85 14.61 -54.96
C LYS B 243 -2.75 13.11 -55.09
N ARG B 244 -2.32 12.44 -54.01
CA ARG B 244 -2.15 10.99 -54.07
C ARG B 244 -3.48 10.28 -54.24
N SER B 245 -4.51 10.69 -53.50
CA SER B 245 -5.82 10.08 -53.61
C SER B 245 -6.86 11.07 -53.11
N GLU B 246 -8.08 10.94 -53.63
CA GLU B 246 -9.20 11.76 -53.19
C GLU B 246 -10.33 10.81 -52.78
N ASN B 247 -10.58 10.72 -51.48
CA ASN B 247 -11.64 9.89 -50.94
C ASN B 247 -12.83 10.78 -50.59
N LYS B 248 -13.96 10.52 -51.23
CA LYS B 248 -15.15 11.35 -51.05
C LYS B 248 -16.37 10.44 -51.00
N ASN B 249 -17.42 10.95 -50.35
CA ASN B 249 -18.68 10.23 -50.24
C ASN B 249 -19.58 10.55 -51.41
N GLU B 250 -20.66 9.78 -51.53
CA GLU B 250 -21.59 9.96 -52.64
C GLU B 250 -22.22 11.34 -52.62
N GLY B 251 -22.44 11.91 -53.80
CA GLY B 251 -23.12 13.18 -53.93
C GLY B 251 -22.40 14.39 -53.38
N GLN B 252 -21.09 14.48 -53.57
CA GLN B 252 -20.36 15.71 -53.25
C GLN B 252 -19.45 16.11 -54.41
N ASP B 253 -18.57 17.07 -54.19
CA ASP B 253 -17.67 17.59 -55.21
C ASP B 253 -16.25 17.11 -54.93
N ALA B 254 -15.61 16.56 -55.95
CA ALA B 254 -14.26 16.04 -55.86
C ALA B 254 -13.35 16.83 -56.79
N MET B 255 -12.22 17.29 -56.28
CA MET B 255 -11.27 18.09 -57.05
C MET B 255 -9.90 17.45 -57.01
N MET B 256 -9.23 17.43 -58.15
CA MET B 256 -7.87 16.91 -58.29
C MET B 256 -7.04 17.90 -59.07
N TYR B 257 -5.79 18.09 -58.66
CA TYR B 257 -4.95 19.14 -59.20
C TYR B 257 -3.56 18.61 -59.51
N CYS B 258 -2.90 19.29 -60.46
CA CYS B 258 -1.53 19.00 -60.85
C CYS B 258 -0.84 20.32 -61.16
N LYS B 259 0.40 20.46 -60.72
CA LYS B 259 1.20 21.65 -61.00
C LYS B 259 2.46 21.27 -61.78
N SER B 260 2.93 22.20 -62.61
CA SER B 260 4.10 21.96 -63.43
C SER B 260 4.97 23.22 -63.45
N VAL B 261 6.20 23.05 -63.92
CA VAL B 261 7.16 24.13 -64.03
C VAL B 261 7.84 24.07 -65.39
N GLY B 262 8.41 25.19 -65.80
CA GLY B 262 9.16 25.25 -67.03
C GLY B 262 8.38 25.92 -68.15
N TYR B 263 9.11 26.58 -69.06
CA TYR B 263 8.61 27.25 -70.24
C TYR B 263 9.12 26.54 -71.49
N PRO B 264 8.29 26.38 -72.54
CA PRO B 264 6.91 26.86 -72.71
C PRO B 264 5.92 26.13 -71.81
N HIS B 265 4.83 26.79 -71.46
CA HIS B 265 3.89 26.24 -70.50
C HIS B 265 3.10 25.10 -71.14
N PRO B 266 3.04 23.93 -70.52
CA PRO B 266 2.50 22.75 -71.19
C PRO B 266 0.99 22.79 -71.30
N GLU B 267 0.48 22.03 -72.27
CA GLU B 267 -0.94 21.78 -72.41
C GLU B 267 -1.31 20.53 -71.62
N TRP B 268 -2.49 20.54 -71.02
CA TRP B 268 -2.90 19.51 -70.07
C TRP B 268 -3.99 18.63 -70.66
N ILE B 269 -3.79 17.32 -70.57
CA ILE B 269 -4.76 16.33 -70.99
C ILE B 269 -5.04 15.39 -69.82
N TRP B 270 -6.31 15.18 -69.51
CA TRP B 270 -6.72 14.28 -68.45
C TRP B 270 -7.26 12.99 -69.06
N ARG B 271 -6.76 11.85 -68.59
CA ARG B 271 -7.14 10.55 -69.13
C ARG B 271 -7.40 9.58 -67.98
N LYS B 272 -8.64 9.11 -67.87
CA LYS B 272 -8.98 8.08 -66.89
C LYS B 272 -8.52 6.73 -67.38
N LYS B 273 -8.05 5.90 -66.45
CA LYS B 273 -7.56 4.56 -66.77
C LYS B 273 -8.76 3.64 -66.97
N GLU B 274 -9.21 3.53 -68.21
CA GLU B 274 -10.27 2.60 -68.58
C GLU B 274 -9.63 1.28 -69.00
N ASN B 275 -9.88 0.23 -68.22
CA ASN B 275 -9.22 -1.08 -68.37
C ASN B 275 -7.72 -0.83 -68.20
N GLY B 276 -6.87 -1.43 -69.03
CA GLY B 276 -5.43 -1.28 -68.93
C GLY B 276 -4.85 -0.12 -69.72
N VAL B 277 -5.67 0.74 -70.28
CA VAL B 277 -5.21 1.83 -71.14
C VAL B 277 -5.74 3.14 -70.57
N PHE B 278 -5.10 4.24 -70.96
CA PHE B 278 -5.50 5.59 -70.57
C PHE B 278 -6.34 6.20 -71.68
N GLU B 279 -7.65 6.22 -71.51
CA GLU B 279 -8.56 6.87 -72.44
C GLU B 279 -9.00 8.22 -71.87
N GLU B 280 -9.32 9.14 -72.78
CA GLU B 280 -9.76 10.47 -72.37
C GLU B 280 -11.13 10.38 -71.68
N ILE B 281 -11.34 11.25 -70.70
CA ILE B 281 -12.62 11.28 -70.01
C ILE B 281 -13.69 11.86 -70.91
N SER B 282 -14.94 11.54 -70.60
CA SER B 282 -16.09 11.92 -71.42
C SER B 282 -17.02 12.82 -70.62
N ASN B 283 -17.46 13.92 -71.24
CA ASN B 283 -18.37 14.86 -70.61
C ASN B 283 -19.83 14.53 -70.88
N SER B 284 -20.15 13.25 -71.08
CA SER B 284 -21.48 12.81 -71.50
C SER B 284 -22.53 12.94 -70.42
N SER B 285 -22.22 13.58 -69.28
CA SER B 285 -23.21 13.78 -68.23
C SER B 285 -23.22 15.21 -67.70
N GLY B 286 -22.36 16.09 -68.19
CA GLY B 286 -22.39 17.48 -67.78
C GLY B 286 -21.92 17.75 -66.37
N ARG B 287 -21.09 16.87 -65.81
CA ARG B 287 -20.63 17.01 -64.44
C ARG B 287 -19.12 17.15 -64.31
N PHE B 288 -18.39 17.21 -65.42
CA PHE B 288 -16.94 17.35 -65.40
C PHE B 288 -16.57 18.77 -65.79
N PHE B 289 -15.71 19.39 -64.98
CA PHE B 289 -15.24 20.75 -65.23
C PHE B 289 -13.72 20.76 -65.19
N ILE B 290 -13.10 21.05 -66.33
CA ILE B 290 -11.64 21.15 -66.43
C ILE B 290 -11.30 22.63 -66.54
N THR B 291 -10.74 23.20 -65.48
CA THR B 291 -10.33 24.60 -65.44
C THR B 291 -8.81 24.64 -65.41
N ASN B 292 -8.19 24.78 -66.58
CA ASN B 292 -6.74 24.77 -66.70
C ASN B 292 -6.20 26.18 -66.87
N LYS B 293 -5.17 26.51 -66.12
CA LYS B 293 -4.47 27.78 -66.13
C LYS B 293 -3.05 27.56 -66.63
N GLU B 294 -2.23 28.62 -66.52
CA GLU B 294 -0.86 28.59 -67.05
C GLU B 294 -0.08 27.37 -66.55
N ASN B 295 -0.10 27.14 -65.24
CA ASN B 295 0.45 25.90 -64.68
C ASN B 295 -0.63 25.08 -63.99
N TYR B 296 -1.39 25.69 -63.08
CA TYR B 296 -2.44 25.00 -62.34
C TYR B 296 -3.44 24.36 -63.28
N THR B 297 -3.88 23.16 -62.93
CA THR B 297 -4.88 22.43 -63.71
C THR B 297 -5.76 21.63 -62.78
N GLU B 298 -7.04 21.97 -62.71
CA GLU B 298 -7.99 21.37 -61.78
C GLU B 298 -9.11 20.65 -62.52
N LEU B 299 -9.53 19.52 -61.98
CA LEU B 299 -10.66 18.76 -62.50
C LEU B 299 -11.67 18.56 -61.38
N SER B 300 -12.92 18.92 -61.64
CA SER B 300 -13.98 18.85 -60.64
C SER B 300 -15.11 17.95 -61.13
N ILE B 301 -15.60 17.10 -60.24
CA ILE B 301 -16.73 16.22 -60.51
C ILE B 301 -17.81 16.49 -59.48
N VAL B 302 -19.05 16.63 -59.95
CA VAL B 302 -20.17 16.93 -59.07
C VAL B 302 -21.14 15.76 -59.11
N ASN B 303 -21.81 15.54 -57.97
CA ASN B 303 -22.77 14.45 -57.81
C ASN B 303 -22.10 13.10 -58.13
N LEU B 304 -21.14 12.75 -57.30
CA LEU B 304 -20.35 11.53 -57.52
C LEU B 304 -21.24 10.30 -57.45
N GLN B 305 -21.01 9.38 -58.39
CA GLN B 305 -21.74 8.12 -58.45
C GLN B 305 -20.76 6.96 -58.24
N ILE B 306 -21.16 6.01 -57.38
CA ILE B 306 -20.30 4.89 -57.08
C ILE B 306 -20.12 3.96 -58.28
N THR B 307 -21.06 3.98 -59.23
CA THR B 307 -21.03 3.00 -60.32
C THR B 307 -19.90 3.29 -61.31
N GLU B 308 -19.69 4.55 -61.66
CA GLU B 308 -18.77 4.91 -62.74
C GLU B 308 -17.56 5.72 -62.29
N ASP B 309 -17.74 6.66 -61.37
CA ASP B 309 -16.68 7.61 -61.05
C ASP B 309 -15.40 6.99 -60.52
N PRO B 310 -15.41 6.01 -59.60
CA PRO B 310 -14.14 5.51 -59.05
C PRO B 310 -13.20 4.98 -60.12
N GLY B 311 -11.92 5.25 -59.94
CA GLY B 311 -10.91 4.84 -60.89
C GLY B 311 -9.66 5.67 -60.70
N GLU B 312 -8.77 5.56 -61.69
CA GLU B 312 -7.51 6.30 -61.71
C GLU B 312 -7.58 7.39 -62.78
N TYR B 313 -7.14 8.59 -62.43
CA TYR B 313 -7.13 9.73 -63.34
C TYR B 313 -5.70 10.21 -63.53
N GLU B 314 -5.28 10.31 -64.78
CA GLU B 314 -3.92 10.71 -65.15
C GLU B 314 -3.92 12.17 -65.61
N CYS B 315 -2.91 12.92 -65.17
CA CYS B 315 -2.73 14.30 -65.60
C CYS B 315 -1.44 14.38 -66.42
N ASN B 316 -1.56 14.91 -67.64
CA ASN B 316 -0.48 14.94 -68.61
C ASN B 316 -0.06 16.37 -68.88
N ALA B 317 1.25 16.59 -68.97
CA ALA B 317 1.80 17.89 -69.32
C ALA B 317 2.80 17.70 -70.46
N THR B 318 2.57 18.38 -71.58
CA THR B 318 3.40 18.21 -72.77
C THR B 318 3.85 19.58 -73.27
N ASN B 319 5.16 19.70 -73.53
CA ASN B 319 5.72 20.88 -74.18
C ASN B 319 6.55 20.46 -75.38
N SER B 320 7.28 21.40 -75.97
CA SER B 320 8.06 21.08 -77.17
C SER B 320 9.12 20.02 -76.89
N ILE B 321 9.71 20.05 -75.70
CA ILE B 321 10.85 19.16 -75.42
C ILE B 321 10.38 17.80 -74.93
N GLY B 322 9.70 17.76 -73.78
CA GLY B 322 9.35 16.50 -73.16
C GLY B 322 7.97 16.46 -72.53
N SER B 323 7.66 15.36 -71.84
CA SER B 323 6.36 15.17 -71.22
C SER B 323 6.52 14.34 -69.94
N ALA B 324 5.58 14.55 -69.01
CA ALA B 324 5.55 13.79 -67.77
C ALA B 324 4.10 13.69 -67.30
N SER B 325 3.83 12.72 -66.43
CA SER B 325 2.47 12.48 -65.97
C SER B 325 2.47 11.87 -64.59
N VAL B 326 1.35 12.08 -63.88
CA VAL B 326 1.11 11.49 -62.56
C VAL B 326 -0.31 10.95 -62.55
N SER B 327 -0.59 10.07 -61.59
CA SER B 327 -1.89 9.41 -61.48
C SER B 327 -2.46 9.61 -60.08
N THR B 328 -3.79 9.75 -60.04
CA THR B 328 -4.54 9.93 -58.79
C THR B 328 -5.69 8.95 -58.77
N VAL B 329 -5.93 8.34 -57.61
CA VAL B 329 -6.99 7.35 -57.45
C VAL B 329 -8.13 7.98 -56.64
N LEU B 330 -9.34 7.88 -57.18
CA LEU B 330 -10.53 8.47 -56.57
C LEU B 330 -11.39 7.36 -55.97
N ARG B 331 -11.82 7.55 -54.73
CA ARG B 331 -12.64 6.59 -54.01
C ARG B 331 -13.99 7.21 -53.69
N VAL B 332 -15.06 6.48 -54.00
CA VAL B 332 -16.42 6.90 -53.67
C VAL B 332 -17.01 5.88 -52.70
N ARG B 333 -17.43 6.35 -51.54
CA ARG B 333 -17.88 5.48 -50.46
C ARG B 333 -19.40 5.41 -50.43
N SER B 334 -19.91 4.23 -50.09
CA SER B 334 -21.35 4.01 -50.04
C SER B 334 -21.96 4.73 -48.83
N HIS B 335 -23.26 5.01 -48.94
CA HIS B 335 -23.95 5.71 -47.86
C HIS B 335 -24.24 4.80 -46.67
N LEU B 336 -24.54 3.53 -46.92
CA LEU B 336 -24.81 2.57 -45.86
C LEU B 336 -23.55 1.89 -45.32
N ALA B 337 -22.39 2.52 -45.51
CA ALA B 337 -21.15 1.94 -45.01
C ALA B 337 -21.13 1.73 -43.50
N PRO B 338 -21.58 2.66 -42.65
CA PRO B 338 -21.53 2.41 -41.20
C PRO B 338 -22.46 1.30 -40.73
N LEU B 339 -23.38 0.84 -41.57
CA LEU B 339 -24.36 -0.14 -41.11
C LEU B 339 -23.72 -1.50 -40.86
N TRP B 340 -22.80 -1.91 -41.74
CA TRP B 340 -22.24 -3.26 -41.62
C TRP B 340 -21.47 -3.49 -40.32
N PRO B 341 -20.57 -2.60 -39.87
CA PRO B 341 -19.94 -2.84 -38.57
C PRO B 341 -20.94 -2.86 -37.42
N PHE B 342 -22.01 -2.09 -37.51
CA PHE B 342 -23.02 -2.08 -36.45
C PHE B 342 -23.70 -3.44 -36.34
N LEU B 343 -24.00 -4.08 -37.47
CA LEU B 343 -24.61 -5.40 -37.42
C LEU B 343 -23.65 -6.45 -36.90
N GLY B 344 -22.34 -6.18 -36.91
CA GLY B 344 -21.37 -7.10 -36.36
C GLY B 344 -21.08 -6.85 -34.90
N ILE B 345 -21.27 -5.60 -34.45
CA ILE B 345 -21.04 -5.28 -33.05
C ILE B 345 -22.09 -5.94 -32.17
N LEU B 346 -23.36 -5.86 -32.57
CA LEU B 346 -24.42 -6.50 -31.83
C LEU B 346 -24.64 -7.96 -32.21
N ALA B 347 -23.86 -8.47 -33.17
CA ALA B 347 -23.86 -9.90 -33.43
C ALA B 347 -22.91 -10.65 -32.52
N GLU B 348 -21.98 -9.95 -31.86
CA GLU B 348 -21.14 -10.57 -30.85
C GLU B 348 -21.56 -10.21 -29.44
N ILE B 349 -22.40 -9.18 -29.26
CA ILE B 349 -23.02 -8.95 -27.96
C ILE B 349 -24.02 -10.06 -27.67
N ILE B 350 -24.73 -10.54 -28.69
CA ILE B 350 -25.64 -11.66 -28.50
C ILE B 350 -24.86 -12.92 -28.14
N ILE B 351 -23.70 -13.13 -28.75
CA ILE B 351 -22.86 -14.27 -28.39
C ILE B 351 -22.41 -14.17 -26.94
N LEU B 352 -22.09 -12.96 -26.48
CA LEU B 352 -21.60 -12.80 -25.12
C LEU B 352 -22.70 -13.04 -24.09
N VAL B 353 -23.94 -12.66 -24.40
CA VAL B 353 -25.03 -12.76 -23.44
C VAL B 353 -25.80 -14.06 -23.62
N VAL B 354 -25.22 -15.01 -24.36
CA VAL B 354 -25.71 -16.38 -24.41
C VAL B 354 -24.75 -17.34 -23.73
N ILE B 355 -23.45 -17.12 -23.87
CA ILE B 355 -22.46 -17.94 -23.17
C ILE B 355 -22.58 -17.74 -21.67
N ILE B 356 -22.70 -16.48 -21.23
CA ILE B 356 -22.71 -16.18 -19.80
C ILE B 356 -24.02 -16.65 -19.15
N VAL B 357 -25.15 -16.43 -19.83
CA VAL B 357 -26.43 -16.76 -19.19
C VAL B 357 -26.75 -18.24 -19.26
N VAL B 358 -26.21 -18.98 -20.22
CA VAL B 358 -26.36 -20.44 -20.19
C VAL B 358 -25.54 -21.04 -19.06
N TYR B 359 -24.29 -20.58 -18.91
CA TYR B 359 -23.46 -20.99 -17.79
C TYR B 359 -23.98 -20.47 -16.47
N GLU B 360 -24.85 -19.45 -16.48
CA GLU B 360 -25.43 -18.86 -15.29
C GLU B 360 -24.35 -18.32 -14.35
MG MG C . -0.39 -7.67 28.51
C21 KXP D . 7.88 -9.86 -19.45
C22 KXP D . 6.92 -10.93 -19.96
C18 KXP D . 8.50 -8.37 -21.18
C23 KXP D . 7.70 -12.21 -20.26
C29 KXP D . 9.45 -14.75 -16.15
C30 KXP D . 10.69 -15.67 -16.07
C31 KXP D . 10.36 -17.16 -15.96
C32 KXP D . 9.37 -17.50 -14.83
C33 KXP D . 8.46 -16.33 -14.46
C34 KXP D . 8.17 -15.42 -15.66
C49 KXP D . 4.77 -11.74 -19.51
O20 KXP D . 7.64 -8.66 -20.12
O24 KXP D . 8.67 -12.43 -19.28
O26 KXP D . 8.21 -12.10 -16.77
O27 KXP D . 6.85 -13.74 -18.01
O28 KXP D . 9.31 -14.32 -17.49
O35 KXP D . 7.24 -14.45 -15.26
O36 KXP D . 7.23 -16.82 -13.99
O38 KXP D . 8.25 -17.25 -11.66
O39 KXP D . 6.52 -15.52 -11.88
O40 KXP D . 5.90 -17.91 -12.07
O41 KXP D . 10.13 -17.86 -13.69
O43 KXP D . 9.99 -19.45 -11.67
O44 KXP D . 8.90 -20.12 -13.79
O45 KXP D . 11.36 -20.12 -13.61
O46 KXP D . 9.83 -17.62 -17.18
O47 KXP D . 11.46 -15.46 -17.22
O48 KXP D . 5.95 -11.20 -18.99
O50 KXP D . 4.60 -12.91 -19.49
P25 KXP D . 8.23 -13.14 -17.86
P37 KXP D . 6.97 -16.88 -12.37
P42 KXP D . 10.10 -19.41 -13.17
C1 KXP D . 9.58 -9.35 -21.62
C2 KXP D . 9.62 -9.40 -23.14
C4 KXP D . 9.20 -10.80 -23.59
C5 KXP D . 9.16 -10.84 -25.12
C3 KXP D . 8.02 -11.76 -25.56
C6 KXP D . 8.57 -12.85 -26.49
O1 KXP D . 8.38 -7.34 -21.76
BE BEF E . 0.63 -10.51 29.18
F1 BEF E . 2.14 -10.72 29.15
F2 BEF E . -0.10 -11.53 30.11
F3 BEF E . 0.28 -9.08 29.64
C1 NAG F . -19.07 19.65 -69.68
C2 NAG F . -18.11 20.85 -69.75
C3 NAG F . -18.56 21.91 -68.76
C4 NAG F . -19.99 22.30 -69.06
C5 NAG F . -20.88 21.05 -69.10
C6 NAG F . -22.32 21.33 -69.47
C7 NAG F . -15.81 20.35 -70.46
C8 NAG F . -14.45 19.90 -70.00
N2 NAG F . -16.75 20.43 -69.51
O3 NAG F . -17.68 22.99 -68.86
O4 NAG F . -20.40 23.21 -68.07
O5 NAG F . -20.35 20.11 -70.02
O6 NAG F . -22.94 22.10 -68.47
O7 NAG F . -16.03 20.62 -71.64
C1 NAG G . 1.43 12.37 -72.14
C2 NAG G . 1.69 10.85 -72.16
C3 NAG G . 2.42 10.39 -73.42
C4 NAG G . 1.83 11.01 -74.67
C5 NAG G . 1.83 12.52 -74.49
C6 NAG G . 1.30 13.27 -75.70
C7 NAG G . 3.70 10.82 -70.66
C8 NAG G . 4.23 10.22 -69.39
N2 NAG G . 2.45 10.44 -70.99
O3 NAG G . 2.38 8.99 -73.46
O4 NAG G . 2.64 10.62 -75.76
O5 NAG G . 1.00 12.83 -73.40
O6 NAG G . 0.00 12.82 -76.00
O7 NAG G . 4.39 11.57 -71.33
C1 NAG H . 2.23 28.75 -61.01
C2 NAG H . 3.36 28.76 -59.97
C3 NAG H . 3.16 29.94 -59.02
C4 NAG H . 3.02 31.24 -59.81
C5 NAG H . 1.92 31.08 -60.87
C6 NAG H . 1.71 32.30 -61.74
C7 NAG H . 4.40 26.64 -59.27
C8 NAG H . 4.20 25.41 -58.43
N2 NAG H . 3.38 27.52 -59.24
O3 NAG H . 4.26 29.98 -58.14
O4 NAG H . 2.70 32.26 -58.89
O5 NAG H . 2.24 29.98 -61.70
O6 NAG H . 2.88 32.53 -62.51
O7 NAG H . 5.42 26.81 -59.92
C1 NAG I . 30.28 39.78 -73.58
C2 NAG I . 31.51 39.92 -74.48
C3 NAG I . 32.71 39.24 -73.82
C4 NAG I . 32.92 39.79 -72.43
C5 NAG I . 31.62 39.67 -71.62
C6 NAG I . 31.73 40.22 -70.22
C7 NAG I . 31.07 40.16 -76.89
C8 NAG I . 30.82 39.39 -78.16
N2 NAG I . 31.26 39.40 -75.79
O3 NAG I . 33.82 39.43 -74.64
O4 NAG I . 33.96 39.05 -71.83
O5 NAG I . 30.57 40.34 -72.31
O6 NAG I . 32.31 41.50 -70.25
O7 NAG I . 31.09 41.38 -76.86
C1 NAG J . 10.88 44.98 -71.97
C2 NAG J . 9.89 44.06 -71.25
C3 NAG J . 9.12 43.24 -72.28
C4 NAG J . 8.48 44.15 -73.32
C5 NAG J . 9.55 45.08 -73.92
C6 NAG J . 9.02 46.08 -74.93
C7 NAG J . 10.28 43.14 -68.99
C8 NAG J . 11.10 42.17 -68.20
N2 NAG J . 10.56 43.20 -70.32
O3 NAG J . 8.16 42.46 -71.61
O4 NAG J . 7.91 43.33 -74.31
O5 NAG J . 10.18 45.80 -72.87
O6 NAG J . 8.66 45.41 -76.11
O7 NAG J . 9.40 43.81 -68.47
C1 NAG K . 29.74 51.96 -64.96
C2 NAG K . 28.55 52.86 -65.34
C3 NAG K . 28.87 53.57 -66.64
C4 NAG K . 30.18 54.34 -66.49
C5 NAG K . 31.29 53.39 -65.99
C6 NAG K . 32.62 54.08 -65.76
C7 NAG K . 26.41 52.04 -64.44
C8 NAG K . 26.67 52.93 -63.24
N2 NAG K . 27.35 52.07 -65.40
O3 NAG K . 27.80 54.43 -66.94
O4 NAG K . 30.49 54.89 -67.75
O5 NAG K . 30.87 52.76 -64.79
O6 NAG K . 32.44 55.16 -64.87
O7 NAG K . 25.40 51.37 -64.51
#